data_5WJN
#
_entry.id   5WJN
#
_cell.length_a   158.325
_cell.length_b   145.522
_cell.length_c   106.303
_cell.angle_alpha   90.00
_cell.angle_beta   121.14
_cell.angle_gamma   90.00
#
_symmetry.space_group_name_H-M   'C 1 2 1'
#
loop_
_entity.id
_entity.type
_entity.pdbx_description
1 polymer 'HLA class I histocompatibility antigen, A-11 alpha chain'
2 polymer Beta-2-microglobulin
3 polymer 'GTS3 peptide'
4 non-polymer 'POTASSIUM ION'
5 water water
#
loop_
_entity_poly.entity_id
_entity_poly.type
_entity_poly.pdbx_seq_one_letter_code
_entity_poly.pdbx_strand_id
1 'polypeptide(L)'
;GSHSMRYFYTSVSRPGRGEPRFIAVGYVDDTQFVRFDSDAASQRMEPRAPWIEQEGPEYWDQETRNVKAQSQTDRVDLGT
LRGYYNQSEDGSHTIQIMYGCDVGPDGRFLRGYRQDAYDGKDYIALNEDLRSWTAADMAAQITKRKWEAAHAAEQQRAYL
EGRCVEWLRRYLENGKETLQRTDPPKTHMTHHPISDHEATLRCWALGFYPAEITLTWQRDGEDQTQDTELVETRPAGDGT
FQKWAAVVVPSGEEQRYTCHVQHEGLPKPLTLRW
;
A,D,G
2 'polypeptide(L)'
;MIQRTPKIQVYSRHPAENGKSNFLNCYVSGFHPSDIEVDLLKNGERIEKVEHSDLSFSKDWSFYLLYYTEFTPTEKDEYA
CRVNHVTLSQPKIVKWDRDM
;
B,E,H
3 'polypeptide(L)' GTSGSPIINR C,F,I
#
# COMPACT_ATOMS: atom_id res chain seq x y z
N GLY A 1 6.15 37.98 0.30
CA GLY A 1 7.50 37.44 0.29
C GLY A 1 7.97 37.05 -1.10
N SER A 2 8.54 35.85 -1.23
CA SER A 2 8.99 35.33 -2.52
C SER A 2 7.87 34.61 -3.25
N HIS A 3 7.73 34.88 -4.55
CA HIS A 3 6.68 34.29 -5.39
C HIS A 3 7.21 33.56 -6.61
N SER A 4 6.36 32.70 -7.20
CA SER A 4 6.73 31.92 -8.37
C SER A 4 5.58 31.74 -9.34
N MET A 5 5.91 31.73 -10.64
CA MET A 5 4.97 31.44 -11.71
C MET A 5 5.50 30.18 -12.39
N ARG A 6 4.62 29.20 -12.62
CA ARG A 6 5.00 27.93 -13.22
C ARG A 6 3.97 27.45 -14.22
N TYR A 7 4.42 26.81 -15.31
CA TYR A 7 3.58 26.25 -16.35
C TYR A 7 3.89 24.77 -16.52
N PHE A 8 2.84 23.94 -16.64
CA PHE A 8 2.96 22.49 -16.78
C PHE A 8 2.20 22.02 -18.02
N TYR A 9 2.94 21.51 -19.01
CA TYR A 9 2.38 21.02 -20.28
C TYR A 9 2.45 19.51 -20.31
N THR A 10 1.39 18.86 -20.82
CA THR A 10 1.35 17.40 -20.97
C THR A 10 0.80 17.03 -22.36
N SER A 11 1.61 16.35 -23.16
CA SER A 11 1.21 15.85 -24.48
C SER A 11 1.24 14.34 -24.43
N VAL A 12 0.08 13.70 -24.70
CA VAL A 12 -0.07 12.24 -24.65
C VAL A 12 -0.55 11.72 -26.00
N SER A 13 0.28 10.91 -26.68
CA SER A 13 -0.10 10.32 -27.96
C SER A 13 -1.12 9.20 -27.75
N ARG A 14 -2.20 9.21 -28.54
CA ARG A 14 -3.24 8.20 -28.49
C ARG A 14 -3.38 7.52 -29.86
N PRO A 15 -2.59 6.44 -30.09
CA PRO A 15 -2.63 5.77 -31.40
C PRO A 15 -4.00 5.21 -31.77
N GLY A 16 -4.45 5.54 -32.98
CA GLY A 16 -5.75 5.13 -33.51
C GLY A 16 -6.90 6.00 -33.01
N ARG A 17 -6.78 6.54 -31.77
CA ARG A 17 -7.77 7.39 -31.10
C ARG A 17 -7.65 8.90 -31.47
N GLY A 18 -7.09 9.15 -32.66
CA GLY A 18 -6.93 10.50 -33.19
C GLY A 18 -5.59 11.14 -32.89
N GLU A 19 -5.63 12.45 -32.59
CA GLU A 19 -4.44 13.26 -32.33
C GLU A 19 -4.10 13.40 -30.83
N PRO A 20 -2.81 13.64 -30.47
CA PRO A 20 -2.45 13.72 -29.05
C PRO A 20 -3.25 14.70 -28.19
N ARG A 21 -3.45 14.34 -26.91
CA ARG A 21 -4.15 15.23 -25.98
C ARG A 21 -3.14 16.14 -25.34
N PHE A 22 -3.39 17.44 -25.41
CA PHE A 22 -2.54 18.46 -24.83
C PHE A 22 -3.28 19.18 -23.72
N ILE A 23 -2.68 19.20 -22.53
CA ILE A 23 -3.20 19.88 -21.37
C ILE A 23 -2.11 20.80 -20.86
N ALA A 24 -2.44 22.07 -20.69
CA ALA A 24 -1.54 23.09 -20.17
C ALA A 24 -2.20 23.74 -18.96
N VAL A 25 -1.44 23.90 -17.86
CA VAL A 25 -1.91 24.53 -16.63
C VAL A 25 -0.89 25.54 -16.17
N GLY A 26 -1.38 26.68 -15.71
CA GLY A 26 -0.53 27.76 -15.20
C GLY A 26 -0.81 28.05 -13.75
N TYR A 27 0.27 28.26 -12.98
CA TYR A 27 0.20 28.51 -11.55
C TYR A 27 0.97 29.75 -11.14
N VAL A 28 0.44 30.46 -10.15
CA VAL A 28 1.09 31.56 -9.46
C VAL A 28 1.07 31.05 -8.04
N ASP A 29 2.25 30.58 -7.56
CA ASP A 29 2.43 29.94 -6.26
C ASP A 29 1.60 28.66 -6.23
N ASP A 30 0.68 28.51 -5.28
CA ASP A 30 -0.17 27.32 -5.17
C ASP A 30 -1.54 27.51 -5.80
N THR A 31 -1.71 28.61 -6.58
CA THR A 31 -2.96 28.96 -7.24
C THR A 31 -2.92 28.72 -8.74
N GLN A 32 -3.74 27.78 -9.22
CA GLN A 32 -3.88 27.47 -10.64
C GLN A 32 -4.71 28.61 -11.25
N PHE A 33 -4.14 29.33 -12.23
CA PHE A 33 -4.83 30.47 -12.81
C PHE A 33 -5.34 30.30 -14.24
N VAL A 34 -4.69 29.47 -15.05
CA VAL A 34 -5.06 29.23 -16.45
C VAL A 34 -5.05 27.75 -16.79
N ARG A 35 -5.79 27.39 -17.84
CA ARG A 35 -5.85 26.02 -18.35
C ARG A 35 -6.06 26.02 -19.85
N PHE A 36 -5.65 24.94 -20.50
CA PHE A 36 -5.89 24.67 -21.89
C PHE A 36 -5.99 23.18 -22.05
N ASP A 37 -7.04 22.73 -22.73
CA ASP A 37 -7.26 21.31 -23.01
C ASP A 37 -7.70 21.18 -24.47
N SER A 38 -6.95 20.38 -25.24
CA SER A 38 -7.21 20.13 -26.65
C SER A 38 -8.53 19.37 -26.88
N ASP A 39 -9.09 18.80 -25.79
CA ASP A 39 -10.35 18.05 -25.80
C ASP A 39 -11.57 18.92 -25.51
N ALA A 40 -11.38 20.06 -24.84
CA ALA A 40 -12.44 21.01 -24.48
C ALA A 40 -13.02 21.69 -25.73
N ALA A 41 -14.30 22.11 -25.64
CA ALA A 41 -15.01 22.76 -26.74
C ALA A 41 -14.47 24.14 -27.10
N SER A 42 -14.08 24.94 -26.09
CA SER A 42 -13.58 26.31 -26.24
C SER A 42 -12.40 26.48 -27.18
N GLN A 43 -11.40 25.55 -27.12
CA GLN A 43 -10.17 25.60 -27.93
C GLN A 43 -9.45 26.94 -27.71
N ARG A 44 -9.46 27.38 -26.45
CA ARG A 44 -8.88 28.64 -25.97
C ARG A 44 -8.27 28.42 -24.61
N MET A 45 -7.34 29.31 -24.21
CA MET A 45 -6.79 29.31 -22.86
C MET A 45 -7.94 29.86 -22.00
N GLU A 46 -8.28 29.16 -20.90
CA GLU A 46 -9.39 29.54 -20.05
C GLU A 46 -8.95 30.07 -18.70
N PRO A 47 -9.67 31.06 -18.13
CA PRO A 47 -9.33 31.53 -16.77
C PRO A 47 -9.76 30.52 -15.70
N ARG A 48 -8.97 30.42 -14.61
CA ARG A 48 -9.23 29.52 -13.49
C ARG A 48 -9.02 30.21 -12.12
N ALA A 49 -8.86 31.54 -12.14
CA ALA A 49 -8.73 32.41 -10.97
C ALA A 49 -9.46 33.73 -11.27
N PRO A 50 -10.12 34.38 -10.28
CA PRO A 50 -10.86 35.62 -10.57
C PRO A 50 -10.01 36.78 -11.12
N TRP A 51 -8.78 36.95 -10.60
CA TRP A 51 -7.87 38.01 -11.01
C TRP A 51 -7.39 37.98 -12.46
N ILE A 52 -7.46 36.82 -13.13
CA ILE A 52 -7.06 36.67 -14.54
C ILE A 52 -8.23 36.92 -15.49
N GLU A 53 -9.47 36.86 -14.97
CA GLU A 53 -10.70 37.12 -15.74
C GLU A 53 -10.76 38.55 -16.30
N GLN A 54 -10.08 39.51 -15.64
CA GLN A 54 -10.00 40.91 -16.08
C GLN A 54 -9.11 41.10 -17.32
N GLU A 55 -8.40 40.04 -17.78
CA GLU A 55 -7.54 40.11 -18.97
C GLU A 55 -8.39 40.15 -20.22
N GLY A 56 -8.03 41.04 -21.13
CA GLY A 56 -8.74 41.23 -22.39
C GLY A 56 -8.51 40.16 -23.42
N PRO A 57 -9.28 40.19 -24.53
CA PRO A 57 -9.14 39.16 -25.58
C PRO A 57 -7.76 39.06 -26.21
N GLU A 58 -6.99 40.16 -26.24
CA GLU A 58 -5.64 40.17 -26.80
C GLU A 58 -4.68 39.26 -26.00
N TYR A 59 -4.94 39.13 -24.67
CA TYR A 59 -4.20 38.25 -23.77
C TYR A 59 -4.54 36.80 -24.14
N TRP A 60 -5.84 36.47 -24.11
CA TRP A 60 -6.35 35.13 -24.43
C TRP A 60 -5.96 34.69 -25.84
N ASP A 61 -5.94 35.63 -26.81
CA ASP A 61 -5.54 35.36 -28.19
C ASP A 61 -4.09 34.91 -28.22
N GLN A 62 -3.20 35.65 -27.53
CA GLN A 62 -1.76 35.35 -27.48
C GLN A 62 -1.45 34.06 -26.75
N GLU A 63 -2.09 33.85 -25.58
CA GLU A 63 -1.91 32.66 -24.78
C GLU A 63 -2.36 31.41 -25.54
N THR A 64 -3.49 31.50 -26.25
CA THR A 64 -4.01 30.39 -27.07
C THR A 64 -3.04 30.07 -28.20
N ARG A 65 -2.45 31.11 -28.84
CA ARG A 65 -1.49 30.96 -29.93
C ARG A 65 -0.25 30.21 -29.47
N ASN A 66 0.34 30.63 -28.33
CA ASN A 66 1.54 30.07 -27.73
C ASN A 66 1.36 28.61 -27.38
N VAL A 67 0.27 28.31 -26.69
CA VAL A 67 -0.06 27.00 -26.21
C VAL A 67 -0.37 25.99 -27.33
N LYS A 68 -1.03 26.45 -28.42
CA LYS A 68 -1.34 25.66 -29.60
C LYS A 68 -0.07 25.40 -30.40
N ALA A 69 0.85 26.39 -30.44
CA ALA A 69 2.13 26.29 -31.13
C ALA A 69 2.99 25.20 -30.47
N GLN A 70 2.97 25.14 -29.11
CA GLN A 70 3.70 24.11 -28.37
C GLN A 70 3.03 22.74 -28.55
N SER A 71 1.69 22.68 -28.54
CA SER A 71 0.96 21.43 -28.75
C SER A 71 1.31 20.82 -30.11
N GLN A 72 1.43 21.68 -31.16
CA GLN A 72 1.80 21.27 -32.50
C GLN A 72 3.24 20.78 -32.58
N THR A 73 4.16 21.45 -31.84
CA THR A 73 5.57 21.06 -31.77
C THR A 73 5.70 19.71 -31.07
N ASP A 74 4.91 19.49 -30.01
CA ASP A 74 4.88 18.25 -29.26
C ASP A 74 4.37 17.09 -30.11
N ARG A 75 3.38 17.36 -30.99
CA ARG A 75 2.77 16.41 -31.93
C ARG A 75 3.84 15.81 -32.86
N VAL A 76 4.75 16.68 -33.37
CA VAL A 76 5.85 16.28 -34.26
C VAL A 76 6.95 15.59 -33.43
N ASP A 77 7.32 16.19 -32.28
CA ASP A 77 8.35 15.68 -31.36
C ASP A 77 8.03 14.29 -30.83
N LEU A 78 6.74 13.96 -30.66
CA LEU A 78 6.31 12.63 -30.21
C LEU A 78 6.77 11.60 -31.23
N GLY A 79 6.64 11.94 -32.52
CA GLY A 79 7.06 11.11 -33.64
C GLY A 79 8.56 10.99 -33.69
N THR A 80 9.27 12.13 -33.54
CA THR A 80 10.73 12.21 -33.55
C THR A 80 11.31 11.35 -32.44
N LEU A 81 10.76 11.50 -31.22
CA LEU A 81 11.21 10.78 -30.04
C LEU A 81 10.99 9.28 -30.14
N ARG A 82 9.91 8.83 -30.82
CA ARG A 82 9.76 7.39 -31.00
C ARG A 82 10.71 6.80 -32.04
N GLY A 83 11.24 7.65 -32.92
CA GLY A 83 12.27 7.26 -33.87
C GLY A 83 13.63 7.20 -33.19
N TYR A 84 13.80 8.02 -32.14
CA TYR A 84 15.03 8.10 -31.35
C TYR A 84 15.22 6.82 -30.57
N TYR A 85 14.22 6.46 -29.73
CA TYR A 85 14.21 5.26 -28.89
C TYR A 85 13.78 4.00 -29.64
N ASN A 86 13.49 4.15 -30.96
CA ASN A 86 13.07 3.09 -31.89
C ASN A 86 11.86 2.29 -31.36
N GLN A 87 10.75 3.02 -31.20
CA GLN A 87 9.47 2.56 -30.70
C GLN A 87 8.41 2.52 -31.81
N SER A 88 7.44 1.60 -31.68
CA SER A 88 6.37 1.39 -32.66
C SER A 88 5.26 2.44 -32.58
N GLU A 89 4.50 2.61 -33.69
CA GLU A 89 3.35 3.53 -33.79
C GLU A 89 2.27 3.11 -32.80
N ASP A 90 2.25 1.81 -32.47
CA ASP A 90 1.35 1.09 -31.57
C ASP A 90 1.18 1.70 -30.17
N GLY A 91 2.29 2.00 -29.50
CA GLY A 91 2.29 2.54 -28.14
C GLY A 91 1.93 3.99 -27.94
N SER A 92 1.37 4.30 -26.76
CA SER A 92 1.02 5.63 -26.29
C SER A 92 2.22 6.19 -25.52
N HIS A 93 2.59 7.47 -25.77
CA HIS A 93 3.73 8.10 -25.11
C HIS A 93 3.43 9.48 -24.53
N THR A 94 4.28 9.95 -23.60
CA THR A 94 4.08 11.24 -22.91
C THR A 94 5.28 12.20 -22.98
N ILE A 95 5.00 13.48 -23.29
CA ILE A 95 5.97 14.58 -23.26
C ILE A 95 5.45 15.56 -22.21
N GLN A 96 6.29 15.90 -21.24
CA GLN A 96 5.96 16.87 -20.20
C GLN A 96 7.01 17.96 -20.16
N ILE A 97 6.55 19.21 -20.01
CA ILE A 97 7.39 20.40 -19.94
C ILE A 97 7.02 21.14 -18.67
N MET A 98 8.03 21.59 -17.93
CA MET A 98 7.87 22.42 -16.76
C MET A 98 8.77 23.61 -16.99
N TYR A 99 8.23 24.82 -16.80
CA TYR A 99 8.98 26.06 -16.91
C TYR A 99 8.38 27.16 -16.05
N GLY A 100 9.20 28.11 -15.66
CA GLY A 100 8.78 29.22 -14.83
C GLY A 100 9.92 30.01 -14.22
N CYS A 101 9.58 30.95 -13.34
CA CYS A 101 10.53 31.83 -12.67
C CYS A 101 10.13 32.13 -11.23
N ASP A 102 11.12 32.43 -10.39
CA ASP A 102 10.91 32.80 -8.99
C ASP A 102 11.37 34.25 -8.81
N VAL A 103 10.55 35.04 -8.10
CA VAL A 103 10.87 36.43 -7.78
C VAL A 103 11.05 36.63 -6.28
N GLY A 104 11.87 37.62 -5.91
CA GLY A 104 12.09 37.98 -4.52
C GLY A 104 10.99 38.89 -4.00
N PRO A 105 11.07 39.34 -2.71
CA PRO A 105 10.03 40.26 -2.19
C PRO A 105 10.00 41.60 -2.91
N ASP A 106 11.13 41.99 -3.54
CA ASP A 106 11.29 43.20 -4.32
C ASP A 106 10.65 43.10 -5.72
N GLY A 107 10.33 41.87 -6.13
CA GLY A 107 9.72 41.57 -7.42
C GLY A 107 10.75 41.36 -8.51
N ARG A 108 12.00 41.15 -8.13
CA ARG A 108 13.12 40.96 -9.05
C ARG A 108 13.44 39.48 -9.18
N PHE A 109 13.90 39.08 -10.37
CA PHE A 109 14.27 37.73 -10.75
C PHE A 109 15.27 37.09 -9.78
N LEU A 110 15.03 35.81 -9.43
CA LEU A 110 15.90 35.03 -8.57
C LEU A 110 16.46 33.85 -9.35
N ARG A 111 15.57 32.99 -9.89
CA ARG A 111 15.92 31.81 -10.67
C ARG A 111 14.84 31.42 -11.68
N GLY A 112 15.26 30.85 -12.80
CA GLY A 112 14.38 30.39 -13.87
C GLY A 112 14.48 28.90 -14.11
N TYR A 113 13.45 28.32 -14.70
CA TYR A 113 13.40 26.88 -14.97
C TYR A 113 12.84 26.53 -16.33
N ARG A 114 13.33 25.43 -16.89
CA ARG A 114 12.83 24.73 -18.08
C ARG A 114 13.41 23.36 -18.13
N GLN A 115 12.52 22.37 -18.01
CA GLN A 115 12.87 20.95 -18.02
C GLN A 115 11.79 20.14 -18.72
N ASP A 116 12.24 19.16 -19.51
CA ASP A 116 11.39 18.26 -20.29
C ASP A 116 11.52 16.83 -19.82
N ALA A 117 10.47 16.03 -20.02
CA ALA A 117 10.45 14.61 -19.69
C ALA A 117 9.72 13.79 -20.74
N TYR A 118 10.32 12.65 -21.12
CA TYR A 118 9.70 11.71 -22.06
C TYR A 118 9.39 10.43 -21.31
N ASP A 119 8.10 10.03 -21.31
CA ASP A 119 7.60 8.82 -20.65
C ASP A 119 7.95 8.79 -19.14
N GLY A 120 7.74 9.94 -18.48
CA GLY A 120 7.97 10.12 -17.05
C GLY A 120 9.41 10.34 -16.62
N LYS A 121 10.38 9.95 -17.48
CA LYS A 121 11.81 10.04 -17.21
C LYS A 121 12.36 11.37 -17.75
N ASP A 122 13.28 12.01 -16.99
CA ASP A 122 13.95 13.27 -17.36
C ASP A 122 14.57 13.16 -18.73
N TYR A 123 14.32 14.16 -19.60
CA TYR A 123 14.84 14.15 -20.97
C TYR A 123 15.92 15.20 -21.12
N ILE A 124 15.53 16.49 -21.15
CA ILE A 124 16.46 17.61 -21.26
C ILE A 124 16.05 18.72 -20.28
N ALA A 125 17.05 19.39 -19.67
CA ALA A 125 16.79 20.44 -18.71
C ALA A 125 17.75 21.59 -18.89
N LEU A 126 17.22 22.81 -18.76
CA LEU A 126 18.02 24.03 -18.82
C LEU A 126 18.69 24.16 -17.47
N ASN A 127 19.99 24.44 -17.47
CA ASN A 127 20.80 24.57 -16.26
C ASN A 127 20.52 25.89 -15.54
N GLU A 128 20.89 25.96 -14.25
CA GLU A 128 20.70 27.12 -13.37
C GLU A 128 21.16 28.45 -14.01
N ASP A 129 22.28 28.42 -14.77
CA ASP A 129 22.85 29.59 -15.44
C ASP A 129 21.97 30.12 -16.58
N LEU A 130 21.05 29.27 -17.08
CA LEU A 130 20.13 29.52 -18.21
C LEU A 130 20.92 29.78 -19.50
N ARG A 131 22.09 29.12 -19.62
CA ARG A 131 22.98 29.26 -20.76
C ARG A 131 23.37 27.91 -21.39
N SER A 132 23.29 26.83 -20.60
CA SER A 132 23.63 25.48 -21.04
C SER A 132 22.49 24.48 -20.77
N TRP A 133 22.56 23.28 -21.39
CA TRP A 133 21.56 22.22 -21.25
C TRP A 133 22.15 20.95 -20.66
N THR A 134 21.31 20.14 -20.00
CA THR A 134 21.69 18.84 -19.44
C THR A 134 20.84 17.77 -20.10
N ALA A 135 21.47 16.89 -20.87
CA ALA A 135 20.81 15.79 -21.57
C ALA A 135 20.90 14.53 -20.70
N ALA A 136 19.75 13.94 -20.37
CA ALA A 136 19.67 12.76 -19.52
C ALA A 136 20.09 11.45 -20.19
N ASP A 137 20.03 11.36 -21.53
CA ASP A 137 20.42 10.16 -22.28
C ASP A 137 20.96 10.46 -23.67
N MET A 138 21.20 9.40 -24.48
CA MET A 138 21.73 9.50 -25.84
C MET A 138 20.81 10.21 -26.81
N ALA A 139 19.48 9.98 -26.68
CA ALA A 139 18.48 10.63 -27.52
C ALA A 139 18.45 12.12 -27.23
N ALA A 140 18.41 12.48 -25.93
CA ALA A 140 18.41 13.85 -25.44
C ALA A 140 19.64 14.66 -25.89
N GLN A 141 20.77 13.96 -26.15
CA GLN A 141 22.02 14.57 -26.62
C GLN A 141 21.85 15.17 -28.02
N ILE A 142 21.02 14.53 -28.87
CA ILE A 142 20.70 15.01 -30.22
C ILE A 142 19.90 16.31 -30.13
N THR A 143 18.89 16.35 -29.23
CA THR A 143 18.07 17.53 -28.94
C THR A 143 18.98 18.65 -28.45
N LYS A 144 19.90 18.34 -27.51
CA LYS A 144 20.87 19.29 -26.94
C LYS A 144 21.67 19.99 -28.04
N ARG A 145 22.30 19.21 -28.94
CA ARG A 145 23.07 19.74 -30.06
C ARG A 145 22.19 20.61 -30.99
N LYS A 146 20.93 20.19 -31.24
CA LYS A 146 19.98 20.96 -32.07
C LYS A 146 19.70 22.31 -31.41
N TRP A 147 19.40 22.29 -30.11
CA TRP A 147 19.06 23.45 -29.31
C TRP A 147 20.24 24.38 -29.10
N GLU A 148 21.46 23.84 -29.11
CA GLU A 148 22.70 24.60 -29.00
C GLU A 148 22.90 25.41 -30.29
N ALA A 149 22.76 24.75 -31.47
CA ALA A 149 22.89 25.37 -32.79
C ALA A 149 21.83 26.45 -33.03
N ALA A 150 20.60 26.23 -32.54
CA ALA A 150 19.47 27.14 -32.68
C ALA A 150 19.48 28.27 -31.64
N HIS A 151 20.44 28.22 -30.66
CA HIS A 151 20.59 29.18 -29.56
C HIS A 151 19.31 29.29 -28.73
N ALA A 152 18.70 28.13 -28.43
CA ALA A 152 17.45 27.99 -27.67
C ALA A 152 17.57 28.56 -26.26
N ALA A 153 18.74 28.39 -25.60
CA ALA A 153 19.01 28.86 -24.24
C ALA A 153 18.88 30.39 -24.09
N GLU A 154 19.37 31.17 -25.09
CA GLU A 154 19.28 32.64 -25.12
C GLU A 154 17.82 33.06 -25.09
N GLN A 155 17.00 32.46 -25.98
CA GLN A 155 15.56 32.71 -26.12
C GLN A 155 14.79 32.33 -24.85
N GLN A 156 15.18 31.21 -24.18
CA GLN A 156 14.57 30.76 -22.93
C GLN A 156 14.92 31.73 -21.80
N ARG A 157 16.22 32.09 -21.68
CA ARG A 157 16.73 33.03 -20.68
C ARG A 157 16.04 34.40 -20.82
N ALA A 158 15.84 34.87 -22.09
CA ALA A 158 15.16 36.12 -22.41
C ALA A 158 13.74 36.14 -21.84
N TYR A 159 13.04 35.00 -21.87
CA TYR A 159 11.70 34.86 -21.33
C TYR A 159 11.73 34.78 -19.80
N LEU A 160 12.48 33.81 -19.24
CA LEU A 160 12.58 33.55 -17.81
C LEU A 160 13.03 34.73 -16.98
N GLU A 161 14.02 35.49 -17.48
CA GLU A 161 14.55 36.67 -16.82
C GLU A 161 13.72 37.91 -17.12
N GLY A 162 13.11 37.91 -18.31
CA GLY A 162 12.30 39.02 -18.79
C GLY A 162 10.81 38.90 -18.58
N ARG A 163 10.08 38.56 -19.68
CA ARG A 163 8.62 38.43 -19.75
C ARG A 163 7.98 37.66 -18.62
N CYS A 164 8.65 36.59 -18.16
CA CYS A 164 8.15 35.75 -17.08
C CYS A 164 8.00 36.53 -15.79
N VAL A 165 9.03 37.30 -15.41
CA VAL A 165 9.01 38.10 -14.17
C VAL A 165 8.06 39.30 -14.30
N GLU A 166 7.95 39.87 -15.50
CA GLU A 166 7.07 41.01 -15.78
C GLU A 166 5.60 40.63 -15.65
N TRP A 167 5.22 39.42 -16.13
CA TRP A 167 3.86 38.88 -16.01
C TRP A 167 3.55 38.64 -14.54
N LEU A 168 4.50 38.03 -13.80
CA LEU A 168 4.38 37.74 -12.36
C LEU A 168 4.10 39.04 -11.58
N ARG A 169 4.84 40.14 -11.89
CA ARG A 169 4.63 41.45 -11.28
C ARG A 169 3.18 41.88 -11.48
N ARG A 170 2.71 41.86 -12.76
CA ARG A 170 1.34 42.21 -13.17
C ARG A 170 0.32 41.35 -12.42
N TYR A 171 0.59 40.04 -12.32
CA TYR A 171 -0.31 39.10 -11.65
C TYR A 171 -0.40 39.35 -10.16
N LEU A 172 0.75 39.59 -9.50
CA LEU A 172 0.82 39.87 -8.07
C LEU A 172 0.10 41.14 -7.68
N GLU A 173 0.13 42.16 -8.56
CA GLU A 173 -0.58 43.42 -8.33
C GLU A 173 -2.09 43.19 -8.52
N ASN A 174 -2.52 42.63 -9.67
CA ASN A 174 -3.94 42.35 -9.98
C ASN A 174 -4.63 41.35 -9.07
N GLY A 175 -3.86 40.49 -8.41
CA GLY A 175 -4.41 39.49 -7.50
C GLY A 175 -3.88 39.59 -6.09
N LYS A 176 -3.50 40.82 -5.64
CA LYS A 176 -2.95 41.07 -4.30
C LYS A 176 -3.80 40.52 -3.16
N GLU A 177 -5.13 40.70 -3.22
CA GLU A 177 -6.06 40.20 -2.20
C GLU A 177 -6.12 38.66 -2.13
N THR A 178 -5.81 37.97 -3.23
CA THR A 178 -5.83 36.52 -3.31
C THR A 178 -4.43 35.91 -3.15
N LEU A 179 -3.48 36.30 -4.00
CA LEU A 179 -2.12 35.78 -4.03
C LEU A 179 -1.25 36.20 -2.85
N GLN A 180 -1.47 37.40 -2.30
CA GLN A 180 -0.66 37.89 -1.19
C GLN A 180 -1.30 37.62 0.18
N ARG A 181 -2.41 36.83 0.17
CA ARG A 181 -3.14 36.39 1.36
C ARG A 181 -2.37 35.29 2.12
N THR A 182 -2.65 35.16 3.43
CA THR A 182 -2.07 34.16 4.33
C THR A 182 -3.20 33.61 5.20
N ASP A 183 -3.94 32.63 4.65
CA ASP A 183 -5.05 31.97 5.32
C ASP A 183 -4.52 31.01 6.39
N PRO A 184 -4.84 31.26 7.69
CA PRO A 184 -4.33 30.37 8.74
C PRO A 184 -5.11 29.04 8.83
N PRO A 185 -4.50 27.94 9.31
CA PRO A 185 -5.23 26.67 9.37
C PRO A 185 -6.25 26.59 10.51
N LYS A 186 -7.40 25.95 10.24
CA LYS A 186 -8.46 25.68 11.20
C LYS A 186 -8.08 24.36 11.88
N THR A 187 -7.49 24.45 13.08
CA THR A 187 -7.01 23.28 13.82
C THR A 187 -8.03 22.65 14.76
N HIS A 188 -8.00 21.31 14.84
CA HIS A 188 -8.82 20.45 15.71
C HIS A 188 -8.12 19.10 15.93
N MET A 189 -8.51 18.38 16.99
CA MET A 189 -7.90 17.09 17.31
C MET A 189 -8.94 15.99 17.53
N THR A 190 -8.60 14.76 17.09
CA THR A 190 -9.45 13.58 17.24
C THR A 190 -8.70 12.43 17.90
N HIS A 191 -9.43 11.64 18.69
CA HIS A 191 -8.91 10.49 19.45
C HIS A 191 -9.74 9.25 19.13
N HIS A 192 -9.06 8.18 18.70
CA HIS A 192 -9.70 6.91 18.38
C HIS A 192 -8.91 5.75 19.00
N PRO A 193 -9.52 5.01 19.97
CA PRO A 193 -8.78 3.89 20.58
C PRO A 193 -8.73 2.66 19.70
N ILE A 194 -7.51 2.18 19.39
CA ILE A 194 -7.30 1.01 18.55
C ILE A 194 -7.35 -0.30 19.34
N SER A 195 -6.72 -0.32 20.52
CA SER A 195 -6.70 -1.46 21.45
C SER A 195 -7.22 -0.97 22.83
N ASP A 196 -7.13 -1.83 23.85
CA ASP A 196 -7.50 -1.50 25.24
C ASP A 196 -6.37 -0.68 25.88
N HIS A 197 -5.15 -0.75 25.31
N HIS A 197 -5.15 -0.79 25.31
CA HIS A 197 -3.97 -0.03 25.83
CA HIS A 197 -3.89 -0.18 25.75
C HIS A 197 -3.31 0.92 24.81
C HIS A 197 -3.32 0.89 24.80
N GLU A 198 -3.83 0.97 23.56
CA GLU A 198 -3.34 1.88 22.51
C GLU A 198 -4.45 2.75 21.93
N ALA A 199 -4.09 3.98 21.50
CA ALA A 199 -5.01 4.94 20.92
C ALA A 199 -4.36 5.85 19.88
N THR A 200 -5.12 6.23 18.82
CA THR A 200 -4.65 7.11 17.77
C THR A 200 -5.05 8.54 18.08
N LEU A 201 -4.07 9.45 18.08
CA LEU A 201 -4.28 10.86 18.33
C LEU A 201 -3.97 11.57 17.01
N ARG A 202 -5.01 12.10 16.35
CA ARG A 202 -4.89 12.75 15.04
C ARG A 202 -5.14 14.25 15.10
N CYS A 203 -4.18 15.03 14.60
CA CYS A 203 -4.27 16.48 14.56
C CYS A 203 -4.53 16.98 13.15
N TRP A 204 -5.53 17.85 13.00
CA TRP A 204 -5.98 18.39 11.73
C TRP A 204 -5.62 19.85 11.49
N ALA A 205 -5.38 20.19 10.22
CA ALA A 205 -5.09 21.54 9.75
C ALA A 205 -5.91 21.69 8.47
N LEU A 206 -6.97 22.52 8.51
CA LEU A 206 -7.89 22.70 7.39
C LEU A 206 -8.01 24.15 6.92
N GLY A 207 -8.27 24.32 5.63
CA GLY A 207 -8.50 25.60 4.98
C GLY A 207 -7.39 26.64 5.06
N PHE A 208 -6.15 26.22 4.81
CA PHE A 208 -5.00 27.10 4.84
C PHE A 208 -4.41 27.37 3.46
N TYR A 209 -3.73 28.52 3.31
CA TYR A 209 -3.04 28.96 2.12
C TYR A 209 -1.87 29.88 2.53
N PRO A 210 -0.63 29.70 2.00
CA PRO A 210 -0.17 28.69 1.03
C PRO A 210 -0.16 27.25 1.55
N ALA A 211 0.18 26.28 0.67
CA ALA A 211 0.23 24.85 0.97
C ALA A 211 1.31 24.46 1.99
N GLU A 212 2.35 25.31 2.14
CA GLU A 212 3.46 25.08 3.07
C GLU A 212 3.00 25.12 4.53
N ILE A 213 3.09 23.96 5.18
CA ILE A 213 2.73 23.75 6.58
C ILE A 213 3.66 22.74 7.24
N THR A 214 3.81 22.82 8.57
CA THR A 214 4.62 21.89 9.34
C THR A 214 3.83 21.41 10.54
N LEU A 215 3.51 20.10 10.56
CA LEU A 215 2.81 19.43 11.65
C LEU A 215 3.80 18.51 12.34
N THR A 216 4.00 18.73 13.65
CA THR A 216 4.94 17.95 14.47
C THR A 216 4.30 17.53 15.78
N TRP A 217 4.64 16.32 16.25
CA TRP A 217 4.15 15.78 17.52
C TRP A 217 5.25 15.87 18.56
N GLN A 218 4.86 16.17 19.81
CA GLN A 218 5.79 16.28 20.92
C GLN A 218 5.25 15.56 22.15
N ARG A 219 6.12 14.84 22.89
CA ARG A 219 5.75 14.13 24.12
C ARG A 219 6.47 14.77 25.32
N ASP A 220 5.71 15.50 26.15
CA ASP A 220 6.17 16.25 27.34
C ASP A 220 7.29 17.27 27.02
N GLY A 221 7.30 17.77 25.79
CA GLY A 221 8.29 18.73 25.31
C GLY A 221 9.28 18.17 24.32
N GLU A 222 9.62 16.88 24.46
CA GLU A 222 10.57 16.21 23.56
C GLU A 222 9.90 15.84 22.24
N ASP A 223 10.61 16.05 21.10
CA ASP A 223 10.13 15.76 19.75
C ASP A 223 9.75 14.30 19.57
N GLN A 224 8.72 14.05 18.73
CA GLN A 224 8.23 12.70 18.47
C GLN A 224 8.10 12.42 16.98
N THR A 225 8.87 11.45 16.49
CA THR A 225 8.84 11.02 15.09
C THR A 225 8.55 9.52 15.02
N GLN A 226 8.70 8.84 16.18
CA GLN A 226 8.44 7.41 16.34
C GLN A 226 6.93 7.20 16.43
N ASP A 227 6.40 6.29 15.60
CA ASP A 227 4.97 5.94 15.50
C ASP A 227 4.07 7.09 14.97
N THR A 228 4.67 8.04 14.22
CA THR A 228 3.95 9.18 13.62
C THR A 228 3.59 8.92 12.16
N GLU A 229 2.34 9.21 11.80
CA GLU A 229 1.82 9.06 10.44
C GLU A 229 1.47 10.45 9.90
N LEU A 230 1.86 10.72 8.65
CA LEU A 230 1.58 11.98 7.96
C LEU A 230 0.94 11.74 6.62
N VAL A 231 0.03 12.64 6.21
CA VAL A 231 -0.59 12.58 4.89
C VAL A 231 -0.05 13.71 4.03
N GLU A 232 0.05 13.45 2.72
CA GLU A 232 0.51 14.41 1.72
C GLU A 232 -0.49 15.59 1.75
N THR A 233 0.02 16.86 1.78
CA THR A 233 -0.81 18.08 1.78
C THR A 233 -1.73 18.02 0.55
N ARG A 234 -3.03 17.87 0.81
CA ARG A 234 -4.07 17.68 -0.19
C ARG A 234 -4.91 18.95 -0.44
N PRO A 235 -5.44 19.16 -1.67
CA PRO A 235 -6.29 20.33 -1.90
C PRO A 235 -7.70 20.13 -1.37
N ALA A 236 -8.31 21.19 -0.83
CA ALA A 236 -9.69 21.11 -0.32
C ALA A 236 -10.70 21.26 -1.46
N GLY A 237 -10.28 21.91 -2.54
CA GLY A 237 -11.10 22.15 -3.72
C GLY A 237 -11.66 23.55 -3.84
N ASP A 238 -11.36 24.40 -2.85
CA ASP A 238 -11.82 25.79 -2.79
C ASP A 238 -10.64 26.78 -2.83
N GLY A 239 -9.46 26.27 -3.16
CA GLY A 239 -8.24 27.05 -3.22
C GLY A 239 -7.43 27.01 -1.93
N THR A 240 -7.84 26.13 -1.00
CA THR A 240 -7.15 25.94 0.27
C THR A 240 -6.66 24.49 0.38
N PHE A 241 -5.78 24.23 1.36
CA PHE A 241 -5.19 22.91 1.56
C PHE A 241 -5.54 22.28 2.91
N GLN A 242 -5.32 20.97 3.02
CA GLN A 242 -5.58 20.16 4.21
C GLN A 242 -4.41 19.23 4.47
N LYS A 243 -4.18 18.91 5.75
CA LYS A 243 -3.12 17.99 6.17
C LYS A 243 -3.43 17.54 7.58
N TRP A 244 -3.11 16.28 7.87
CA TRP A 244 -3.24 15.70 9.19
C TRP A 244 -2.02 14.89 9.59
N ALA A 245 -1.75 14.85 10.90
CA ALA A 245 -0.64 14.11 11.50
C ALA A 245 -1.19 13.28 12.65
N ALA A 246 -0.94 11.97 12.62
CA ALA A 246 -1.41 11.04 13.65
C ALA A 246 -0.26 10.35 14.38
N VAL A 247 -0.50 9.95 15.64
CA VAL A 247 0.47 9.26 16.49
C VAL A 247 -0.25 8.20 17.34
N VAL A 248 0.36 6.99 17.45
CA VAL A 248 -0.20 5.91 18.27
C VAL A 248 0.40 6.06 19.67
N VAL A 249 -0.47 6.35 20.64
CA VAL A 249 -0.09 6.63 22.02
C VAL A 249 -0.60 5.55 23.01
N PRO A 250 0.08 5.32 24.16
CA PRO A 250 -0.47 4.36 25.14
C PRO A 250 -1.67 4.99 25.85
N SER A 251 -2.78 4.23 25.97
CA SER A 251 -4.03 4.69 26.60
C SER A 251 -3.80 5.29 27.98
N GLY A 252 -4.34 6.48 28.20
CA GLY A 252 -4.22 7.23 29.45
C GLY A 252 -3.13 8.30 29.42
N GLU A 253 -2.21 8.19 28.43
CA GLU A 253 -1.09 9.13 28.27
C GLU A 253 -1.34 10.19 27.18
N GLU A 254 -2.59 10.27 26.67
CA GLU A 254 -3.01 11.20 25.61
C GLU A 254 -2.75 12.69 25.93
N GLN A 255 -2.81 13.06 27.22
CA GLN A 255 -2.59 14.44 27.66
C GLN A 255 -1.11 14.87 27.60
N ARG A 256 -0.18 13.88 27.52
CA ARG A 256 1.27 14.10 27.46
C ARG A 256 1.70 14.63 26.10
N TYR A 257 0.97 14.23 25.05
CA TYR A 257 1.26 14.59 23.66
C TYR A 257 0.65 15.92 23.22
N THR A 258 1.45 16.70 22.48
CA THR A 258 1.08 17.99 21.91
C THR A 258 1.44 18.07 20.43
N CYS A 259 0.54 18.67 19.64
CA CYS A 259 0.78 18.88 18.23
C CYS A 259 1.12 20.32 17.94
N HIS A 260 2.19 20.54 17.15
CA HIS A 260 2.67 21.86 16.81
C HIS A 260 2.49 22.17 15.35
N VAL A 261 1.65 23.18 15.08
CA VAL A 261 1.30 23.63 13.74
C VAL A 261 2.11 24.88 13.39
N GLN A 262 2.83 24.83 12.26
CA GLN A 262 3.65 25.95 11.77
C GLN A 262 3.15 26.35 10.38
N HIS A 263 2.65 27.58 10.26
CA HIS A 263 2.13 28.14 9.02
C HIS A 263 2.42 29.64 8.94
N GLU A 264 2.61 30.15 7.71
CA GLU A 264 2.87 31.55 7.37
C GLU A 264 1.75 32.47 7.88
N GLY A 265 0.50 31.99 7.81
CA GLY A 265 -0.69 32.70 8.23
C GLY A 265 -0.92 32.78 9.74
N LEU A 266 -0.05 32.11 10.53
CA LEU A 266 -0.12 32.11 11.98
C LEU A 266 0.86 33.12 12.59
N PRO A 267 0.39 34.01 13.52
CA PRO A 267 1.32 34.96 14.15
C PRO A 267 2.42 34.24 14.94
N LYS A 268 2.01 33.20 15.70
CA LYS A 268 2.87 32.32 16.49
C LYS A 268 2.39 30.87 16.31
N PRO A 269 3.30 29.86 16.32
CA PRO A 269 2.85 28.46 16.15
C PRO A 269 1.85 27.97 17.20
N LEU A 270 0.80 27.27 16.73
CA LEU A 270 -0.25 26.70 17.57
C LEU A 270 0.20 25.43 18.29
N THR A 271 -0.31 25.23 19.51
CA THR A 271 -0.02 24.06 20.34
C THR A 271 -1.35 23.42 20.70
N LEU A 272 -1.61 22.23 20.16
CA LEU A 272 -2.85 21.49 20.38
C LEU A 272 -2.61 20.32 21.34
N ARG A 273 -3.50 20.16 22.34
CA ARG A 273 -3.41 19.10 23.34
C ARG A 273 -4.79 18.48 23.61
N TRP A 274 -4.86 17.15 23.73
CA TRP A 274 -6.09 16.41 23.99
C TRP A 274 -6.48 16.50 25.47
N MET B 1 9.54 1.29 -19.27
CA MET B 1 8.85 2.58 -19.22
C MET B 1 8.38 2.89 -17.80
N ILE B 2 8.30 4.18 -17.44
CA ILE B 2 7.85 4.60 -16.12
C ILE B 2 6.36 4.33 -15.90
N GLN B 3 6.08 3.48 -14.92
CA GLN B 3 4.74 3.09 -14.48
C GLN B 3 4.69 3.26 -12.96
N ARG B 4 3.85 4.20 -12.50
CA ARG B 4 3.71 4.51 -11.09
C ARG B 4 2.25 4.39 -10.62
N THR B 5 2.06 3.68 -9.50
CA THR B 5 0.75 3.43 -8.89
C THR B 5 0.19 4.71 -8.26
N PRO B 6 -1.09 5.06 -8.55
CA PRO B 6 -1.67 6.24 -7.91
C PRO B 6 -1.85 6.08 -6.41
N LYS B 7 -1.65 7.16 -5.67
CA LYS B 7 -1.86 7.24 -4.25
C LYS B 7 -3.26 7.85 -4.11
N ILE B 8 -4.17 7.15 -3.42
CA ILE B 8 -5.57 7.59 -3.28
C ILE B 8 -5.86 8.16 -1.90
N GLN B 9 -6.66 9.25 -1.85
CA GLN B 9 -7.12 9.90 -0.63
C GLN B 9 -8.58 10.32 -0.81
N VAL B 10 -9.48 9.76 0.00
CA VAL B 10 -10.91 10.08 -0.05
C VAL B 10 -11.21 10.87 1.20
N TYR B 11 -11.80 12.07 1.01
CA TYR B 11 -12.09 13.00 2.10
C TYR B 11 -13.15 14.02 1.72
N SER B 12 -13.51 14.89 2.69
CA SER B 12 -14.49 15.95 2.52
C SER B 12 -13.83 17.33 2.58
N ARG B 13 -14.43 18.34 1.93
CA ARG B 13 -13.92 19.72 1.89
C ARG B 13 -13.90 20.33 3.29
N HIS B 14 -15.01 20.13 4.03
CA HIS B 14 -15.22 20.63 5.38
C HIS B 14 -15.47 19.45 6.32
N PRO B 15 -15.29 19.56 7.66
CA PRO B 15 -15.55 18.40 8.53
C PRO B 15 -16.99 17.91 8.41
N ALA B 16 -17.16 16.58 8.27
CA ALA B 16 -18.44 15.92 8.08
C ALA B 16 -19.43 16.13 9.22
N GLU B 17 -20.59 16.70 8.86
CA GLU B 17 -21.73 16.97 9.74
C GLU B 17 -23.00 16.57 8.97
N ASN B 18 -23.71 15.53 9.48
CA ASN B 18 -24.93 14.97 8.89
C ASN B 18 -26.03 16.00 8.61
N GLY B 19 -26.55 15.97 7.39
CA GLY B 19 -27.60 16.89 6.94
C GLY B 19 -27.08 18.16 6.30
N LYS B 20 -25.82 18.53 6.58
CA LYS B 20 -25.18 19.74 6.04
C LYS B 20 -24.52 19.46 4.69
N SER B 21 -24.66 20.40 3.74
CA SER B 21 -24.09 20.31 2.40
C SER B 21 -22.57 20.40 2.44
N ASN B 22 -21.88 19.49 1.71
CA ASN B 22 -20.43 19.40 1.65
C ASN B 22 -19.95 18.94 0.25
N PHE B 23 -18.65 18.63 0.12
CA PHE B 23 -18.05 18.15 -1.12
C PHE B 23 -17.22 16.90 -0.84
N LEU B 24 -17.46 15.84 -1.62
CA LEU B 24 -16.71 14.59 -1.48
C LEU B 24 -15.53 14.66 -2.44
N ASN B 25 -14.31 14.60 -1.89
CA ASN B 25 -13.09 14.70 -2.68
C ASN B 25 -12.35 13.39 -2.81
N CYS B 26 -11.71 13.20 -3.95
CA CYS B 26 -10.82 12.09 -4.23
C CYS B 26 -9.57 12.63 -4.89
N TYR B 27 -8.44 12.53 -4.17
CA TYR B 27 -7.17 13.05 -4.63
C TYR B 27 -6.22 11.93 -5.03
N VAL B 28 -6.11 11.73 -6.34
CA VAL B 28 -5.20 10.74 -6.93
C VAL B 28 -3.90 11.46 -7.29
N SER B 29 -2.76 10.92 -6.86
CA SER B 29 -1.45 11.51 -7.12
C SER B 29 -0.36 10.47 -7.30
N GLY B 30 0.86 10.91 -7.57
CA GLY B 30 2.04 10.06 -7.72
C GLY B 30 2.01 9.06 -8.85
N PHE B 31 1.01 9.16 -9.76
CA PHE B 31 0.85 8.22 -10.87
C PHE B 31 1.48 8.63 -12.18
N HIS B 32 1.77 7.61 -13.01
CA HIS B 32 2.33 7.74 -14.34
C HIS B 32 2.06 6.44 -15.11
N PRO B 33 1.46 6.45 -16.33
CA PRO B 33 0.99 7.60 -17.13
C PRO B 33 -0.24 8.32 -16.60
N SER B 34 -0.69 9.36 -17.34
CA SER B 34 -1.82 10.23 -17.04
C SER B 34 -3.18 9.55 -17.17
N ASP B 35 -3.25 8.52 -18.02
CA ASP B 35 -4.49 7.78 -18.27
C ASP B 35 -5.00 7.09 -16.99
N ILE B 36 -6.06 7.67 -16.39
CA ILE B 36 -6.66 7.20 -15.15
C ILE B 36 -8.19 7.26 -15.18
N GLU B 37 -8.84 6.29 -14.51
CA GLU B 37 -10.29 6.20 -14.38
C GLU B 37 -10.63 6.40 -12.90
N VAL B 38 -11.25 7.53 -12.55
CA VAL B 38 -11.62 7.84 -11.16
C VAL B 38 -13.12 8.14 -11.07
N ASP B 39 -13.83 7.35 -10.25
CA ASP B 39 -15.26 7.48 -10.01
C ASP B 39 -15.54 7.59 -8.53
N LEU B 40 -16.54 8.39 -8.16
CA LEU B 40 -16.99 8.55 -6.79
C LEU B 40 -18.23 7.70 -6.59
N LEU B 41 -18.28 6.92 -5.49
CA LEU B 41 -19.40 6.01 -5.23
C LEU B 41 -20.25 6.36 -4.03
N LYS B 42 -21.58 6.15 -4.16
CA LYS B 42 -22.57 6.32 -3.11
C LYS B 42 -23.28 4.96 -3.00
N ASN B 43 -22.92 4.19 -1.96
CA ASN B 43 -23.44 2.83 -1.68
C ASN B 43 -23.18 1.85 -2.85
N GLY B 44 -21.97 1.93 -3.40
CA GLY B 44 -21.51 1.07 -4.50
C GLY B 44 -21.92 1.52 -5.89
N GLU B 45 -22.78 2.54 -5.97
CA GLU B 45 -23.28 3.08 -7.25
C GLU B 45 -22.51 4.34 -7.64
N ARG B 46 -22.14 4.42 -8.94
CA ARG B 46 -21.39 5.54 -9.52
C ARG B 46 -22.19 6.84 -9.45
N ILE B 47 -21.58 7.88 -8.85
CA ILE B 47 -22.20 9.20 -8.73
C ILE B 47 -22.03 9.91 -10.08
N GLU B 48 -23.15 10.35 -10.67
CA GLU B 48 -23.14 11.08 -11.93
C GLU B 48 -22.79 12.54 -11.65
N LYS B 49 -22.29 13.26 -12.66
CA LYS B 49 -21.88 14.67 -12.56
C LYS B 49 -20.80 14.92 -11.49
N VAL B 50 -19.62 14.30 -11.73
CA VAL B 50 -18.42 14.41 -10.90
C VAL B 50 -17.39 15.19 -11.73
N GLU B 51 -17.03 16.38 -11.25
CA GLU B 51 -16.06 17.24 -11.91
C GLU B 51 -14.65 16.92 -11.43
N HIS B 52 -13.63 17.40 -12.17
CA HIS B 52 -12.24 17.22 -11.80
C HIS B 52 -11.36 18.41 -12.14
N SER B 53 -10.21 18.52 -11.45
CA SER B 53 -9.22 19.56 -11.67
C SER B 53 -8.49 19.29 -13.01
N ASP B 54 -7.74 20.28 -13.51
CA ASP B 54 -7.01 20.11 -14.77
C ASP B 54 -5.71 19.38 -14.49
N LEU B 55 -5.36 18.42 -15.37
CA LEU B 55 -4.16 17.59 -15.23
C LEU B 55 -2.90 18.42 -15.01
N SER B 56 -2.22 18.15 -13.89
CA SER B 56 -0.98 18.79 -13.50
C SER B 56 -0.04 17.73 -12.94
N PHE B 57 1.23 18.06 -12.72
CA PHE B 57 2.21 17.09 -12.21
C PHE B 57 3.19 17.67 -11.19
N SER B 58 3.95 16.77 -10.54
CA SER B 58 4.96 17.06 -9.53
C SER B 58 6.34 17.32 -10.14
N LYS B 59 7.33 17.63 -9.29
CA LYS B 59 8.71 17.85 -9.73
C LYS B 59 9.32 16.57 -10.32
N ASP B 60 8.84 15.39 -9.88
CA ASP B 60 9.30 14.12 -10.42
C ASP B 60 8.41 13.58 -11.56
N TRP B 61 7.67 14.50 -12.22
CA TRP B 61 6.79 14.22 -13.37
C TRP B 61 5.55 13.37 -13.05
N SER B 62 5.30 13.02 -11.77
CA SER B 62 4.13 12.24 -11.36
C SER B 62 2.87 13.11 -11.39
N PHE B 63 1.82 12.65 -12.08
CA PHE B 63 0.57 13.39 -12.21
C PHE B 63 -0.25 13.42 -10.95
N TYR B 64 -1.17 14.41 -10.85
CA TYR B 64 -2.12 14.55 -9.76
C TYR B 64 -3.43 15.18 -10.24
N LEU B 65 -4.56 14.70 -9.71
CA LEU B 65 -5.90 15.19 -10.03
C LEU B 65 -6.79 15.21 -8.79
N LEU B 66 -7.77 16.13 -8.75
CA LEU B 66 -8.77 16.16 -7.69
C LEU B 66 -10.16 15.97 -8.31
N TYR B 67 -10.82 14.86 -7.98
CA TYR B 67 -12.17 14.54 -8.42
C TYR B 67 -13.11 14.90 -7.27
N TYR B 68 -14.17 15.66 -7.57
CA TYR B 68 -15.10 16.15 -6.54
C TYR B 68 -16.55 16.20 -6.99
N THR B 69 -17.47 16.11 -6.01
CA THR B 69 -18.92 16.20 -6.20
C THR B 69 -19.58 16.78 -4.94
N GLU B 70 -20.63 17.61 -5.12
CA GLU B 70 -21.36 18.18 -3.99
C GLU B 70 -22.26 17.09 -3.41
N PHE B 71 -22.17 16.86 -2.09
CA PHE B 71 -22.94 15.82 -1.41
C PHE B 71 -23.39 16.24 -0.02
N THR B 72 -24.46 15.59 0.48
CA THR B 72 -24.97 15.80 1.83
C THR B 72 -24.85 14.48 2.61
N PRO B 73 -23.87 14.36 3.53
CA PRO B 73 -23.68 13.09 4.25
C PRO B 73 -24.77 12.73 5.25
N THR B 74 -25.04 11.43 5.37
CA THR B 74 -26.00 10.82 6.30
C THR B 74 -25.32 9.62 6.96
N GLU B 75 -25.83 9.19 8.13
CA GLU B 75 -25.29 8.04 8.87
C GLU B 75 -25.45 6.74 8.09
N LYS B 76 -26.57 6.61 7.36
CA LYS B 76 -26.93 5.43 6.54
C LYS B 76 -26.08 5.25 5.28
N ASP B 77 -25.89 6.32 4.48
CA ASP B 77 -25.16 6.28 3.21
C ASP B 77 -23.65 6.07 3.38
N GLU B 78 -23.10 5.15 2.57
CA GLU B 78 -21.68 4.79 2.55
C GLU B 78 -21.04 5.37 1.27
N TYR B 79 -20.08 6.28 1.44
CA TYR B 79 -19.38 6.90 0.33
C TYR B 79 -17.99 6.32 0.17
N ALA B 80 -17.56 6.12 -1.08
CA ALA B 80 -16.25 5.54 -1.41
C ALA B 80 -15.73 6.06 -2.75
N CYS B 81 -14.55 5.57 -3.18
CA CYS B 81 -13.97 5.97 -4.45
C CYS B 81 -13.30 4.83 -5.20
N ARG B 82 -13.72 4.62 -6.46
CA ARG B 82 -13.19 3.60 -7.36
C ARG B 82 -12.18 4.24 -8.32
N VAL B 83 -10.93 3.73 -8.28
CA VAL B 83 -9.80 4.22 -9.10
C VAL B 83 -9.20 3.06 -9.90
N ASN B 84 -8.94 3.30 -11.20
CA ASN B 84 -8.28 2.32 -12.06
C ASN B 84 -7.18 2.96 -12.89
N HIS B 85 -6.05 2.26 -12.99
CA HIS B 85 -4.83 2.64 -13.70
C HIS B 85 -4.14 1.37 -14.24
N VAL B 86 -3.20 1.54 -15.19
CA VAL B 86 -2.42 0.44 -15.79
C VAL B 86 -1.62 -0.37 -14.73
N THR B 87 -1.26 0.28 -13.59
CA THR B 87 -0.51 -0.35 -12.49
C THR B 87 -1.41 -1.23 -11.63
N LEU B 88 -2.73 -0.97 -11.69
CA LEU B 88 -3.75 -1.70 -10.94
C LEU B 88 -4.32 -2.79 -11.83
N SER B 89 -4.31 -4.05 -11.31
CA SER B 89 -4.82 -5.25 -11.99
C SER B 89 -6.35 -5.18 -12.12
N GLN B 90 -7.01 -4.56 -11.13
CA GLN B 90 -8.45 -4.36 -11.06
C GLN B 90 -8.76 -3.06 -10.30
N PRO B 91 -9.92 -2.39 -10.57
CA PRO B 91 -10.24 -1.14 -9.85
C PRO B 91 -10.08 -1.24 -8.33
N LYS B 92 -9.31 -0.31 -7.76
CA LYS B 92 -9.03 -0.18 -6.32
C LYS B 92 -10.09 0.72 -5.71
N ILE B 93 -10.79 0.22 -4.68
CA ILE B 93 -11.84 0.99 -4.00
C ILE B 93 -11.40 1.42 -2.60
N VAL B 94 -11.41 2.74 -2.36
CA VAL B 94 -11.03 3.33 -1.08
C VAL B 94 -12.27 3.94 -0.46
N LYS B 95 -12.66 3.43 0.72
CA LYS B 95 -13.85 3.88 1.45
C LYS B 95 -13.59 5.20 2.14
N TRP B 96 -14.61 6.06 2.19
CA TRP B 96 -14.48 7.33 2.88
C TRP B 96 -14.75 7.14 4.36
N ASP B 97 -13.77 7.52 5.18
CA ASP B 97 -13.86 7.49 6.63
C ASP B 97 -13.95 8.94 7.06
N ARG B 98 -14.89 9.27 7.96
CA ARG B 98 -15.11 10.64 8.46
C ARG B 98 -13.89 11.29 9.14
N ASP B 99 -12.91 10.48 9.58
CA ASP B 99 -11.69 10.98 10.22
C ASP B 99 -10.37 10.47 9.59
N MET B 100 -10.18 10.76 8.28
CA MET B 100 -9.01 10.42 7.46
C MET B 100 -8.96 11.20 6.13
N GLY C 1 1.88 34.81 -17.93
CA GLY C 1 1.82 34.57 -19.37
C GLY C 1 2.84 33.56 -19.82
N THR C 2 2.47 32.76 -20.83
CA THR C 2 3.29 31.68 -21.38
C THR C 2 4.45 32.19 -22.23
N SER C 3 5.37 31.27 -22.59
CA SER C 3 6.50 31.51 -23.48
C SER C 3 6.01 31.37 -24.93
N GLY C 4 6.24 32.41 -25.72
CA GLY C 4 5.90 32.42 -27.13
C GLY C 4 7.04 31.74 -27.84
N SER C 5 7.94 32.52 -28.45
CA SER C 5 9.15 31.94 -29.04
C SER C 5 10.15 31.64 -27.87
N PRO C 6 11.06 30.63 -27.94
CA PRO C 6 11.47 29.80 -29.09
C PRO C 6 10.48 28.82 -29.74
N ILE C 7 10.11 27.73 -29.01
CA ILE C 7 9.28 26.62 -29.51
C ILE C 7 10.02 25.94 -30.70
N ILE C 8 11.13 25.27 -30.38
CA ILE C 8 12.00 24.57 -31.34
C ILE C 8 11.77 23.07 -31.17
N ASN C 9 11.83 22.33 -32.28
CA ASN C 9 11.63 20.89 -32.30
C ASN C 9 12.76 20.12 -31.64
N ARG C 10 12.43 18.99 -30.97
CA ARG C 10 13.37 18.09 -30.29
C ARG C 10 14.05 17.18 -31.30
N GLY D 1 35.76 11.22 21.94
CA GLY D 1 34.91 12.41 22.01
C GLY D 1 34.27 12.58 23.36
N SER D 2 32.95 12.85 23.39
CA SER D 2 32.21 13.00 24.63
C SER D 2 31.69 11.65 25.12
N HIS D 3 31.83 11.40 26.43
CA HIS D 3 31.43 10.14 27.04
C HIS D 3 30.47 10.32 28.19
N SER D 4 29.77 9.23 28.55
CA SER D 4 28.80 9.24 29.63
C SER D 4 28.78 7.96 30.43
N MET D 5 28.52 8.10 31.74
CA MET D 5 28.33 6.97 32.63
C MET D 5 26.90 7.12 33.15
N ARG D 6 26.13 6.01 33.13
CA ARG D 6 24.75 6.02 33.56
C ARG D 6 24.41 4.78 34.37
N TYR D 7 23.55 4.93 35.38
CA TYR D 7 23.07 3.84 36.22
C TYR D 7 21.56 3.79 36.18
N PHE D 8 20.98 2.58 36.06
CA PHE D 8 19.55 2.35 35.98
C PHE D 8 19.12 1.35 37.05
N TYR D 9 18.31 1.82 38.02
CA TYR D 9 17.81 0.98 39.11
C TYR D 9 16.32 0.72 38.92
N THR D 10 15.87 -0.51 39.19
CA THR D 10 14.47 -0.89 39.10
C THR D 10 14.06 -1.70 40.31
N SER D 11 13.10 -1.19 41.09
CA SER D 11 12.53 -1.87 42.26
C SER D 11 11.06 -2.17 41.95
N VAL D 12 10.69 -3.45 41.97
CA VAL D 12 9.33 -3.90 41.66
C VAL D 12 8.75 -4.69 42.83
N SER D 13 7.69 -4.15 43.47
CA SER D 13 7.04 -4.82 44.59
C SER D 13 6.22 -6.01 44.09
N ARG D 14 6.37 -7.16 44.74
CA ARG D 14 5.64 -8.39 44.42
C ARG D 14 4.85 -8.84 45.67
N PRO D 15 3.61 -8.34 45.84
CA PRO D 15 2.81 -8.69 47.03
C PRO D 15 2.56 -10.18 47.18
N GLY D 16 2.85 -10.71 48.37
CA GLY D 16 2.70 -12.12 48.70
C GLY D 16 3.85 -12.98 48.22
N ARG D 17 4.48 -12.59 47.08
CA ARG D 17 5.60 -13.30 46.44
C ARG D 17 6.98 -12.90 47.05
N GLY D 18 6.98 -12.52 48.33
CA GLY D 18 8.17 -12.16 49.09
C GLY D 18 8.49 -10.68 49.14
N GLU D 19 9.78 -10.35 48.90
CA GLU D 19 10.29 -8.98 48.90
C GLU D 19 10.56 -8.42 47.50
N PRO D 20 10.54 -7.07 47.30
CA PRO D 20 10.72 -6.51 45.95
C PRO D 20 11.95 -6.95 45.19
N ARG D 21 11.84 -7.05 43.85
CA ARG D 21 12.97 -7.41 43.03
C ARG D 21 13.71 -6.14 42.65
N PHE D 22 15.02 -6.12 42.91
CA PHE D 22 15.88 -4.99 42.60
C PHE D 22 16.89 -5.39 41.55
N ILE D 23 16.92 -4.64 40.46
CA ILE D 23 17.85 -4.83 39.36
C ILE D 23 18.56 -3.48 39.14
N ALA D 24 19.89 -3.52 39.15
CA ALA D 24 20.72 -2.34 38.90
C ALA D 24 21.66 -2.67 37.75
N VAL D 25 21.77 -1.74 36.78
CA VAL D 25 22.66 -1.87 35.63
C VAL D 25 23.44 -0.57 35.45
N GLY D 26 24.71 -0.72 35.12
CA GLY D 26 25.61 0.39 34.89
C GLY D 26 26.11 0.39 33.45
N TYR D 27 26.23 1.58 32.88
CA TYR D 27 26.67 1.74 31.52
C TYR D 27 27.72 2.83 31.39
N VAL D 28 28.67 2.60 30.47
CA VAL D 28 29.66 3.58 30.04
C VAL D 28 29.35 3.64 28.56
N ASP D 29 28.69 4.73 28.15
CA ASP D 29 28.18 4.96 26.79
C ASP D 29 27.14 3.89 26.49
N ASP D 30 27.33 3.10 25.42
CA ASP D 30 26.38 2.05 25.05
C ASP D 30 26.82 0.67 25.54
N THR D 31 27.83 0.64 26.44
CA THR D 31 28.38 -0.60 27.00
C THR D 31 27.96 -0.82 28.45
N GLN D 32 27.21 -1.91 28.71
CA GLN D 32 26.84 -2.29 30.07
C GLN D 32 28.11 -2.83 30.71
N PHE D 33 28.47 -2.34 31.89
CA PHE D 33 29.69 -2.83 32.54
C PHE D 33 29.48 -3.55 33.85
N VAL D 34 28.40 -3.22 34.58
CA VAL D 34 28.08 -3.86 35.85
C VAL D 34 26.61 -4.29 35.90
N ARG D 35 26.25 -5.12 36.88
CA ARG D 35 24.89 -5.59 37.12
C ARG D 35 24.70 -6.05 38.58
N PHE D 36 23.46 -5.97 39.06
CA PHE D 36 23.05 -6.46 40.36
C PHE D 36 21.61 -6.91 40.26
N ASP D 37 21.32 -8.10 40.76
CA ASP D 37 19.97 -8.67 40.77
C ASP D 37 19.77 -9.33 42.13
N SER D 38 18.71 -8.89 42.84
CA SER D 38 18.35 -9.40 44.17
C SER D 38 17.90 -10.87 44.13
N ASP D 39 17.63 -11.39 42.91
CA ASP D 39 17.20 -12.76 42.67
C ASP D 39 18.36 -13.71 42.38
N ALA D 40 19.50 -13.18 41.92
CA ALA D 40 20.70 -13.95 41.60
C ALA D 40 21.34 -14.54 42.85
N ALA D 41 22.07 -15.66 42.68
CA ALA D 41 22.75 -16.38 43.76
C ALA D 41 23.91 -15.59 44.38
N SER D 42 24.71 -14.89 43.53
CA SER D 42 25.88 -14.12 43.93
C SER D 42 25.65 -13.10 45.05
N GLN D 43 24.55 -12.32 44.96
CA GLN D 43 24.21 -11.25 45.93
C GLN D 43 25.35 -10.23 46.01
N ARG D 44 25.96 -9.95 44.84
CA ARG D 44 27.08 -9.04 44.65
C ARG D 44 26.92 -8.30 43.34
N MET D 45 27.60 -7.16 43.20
CA MET D 45 27.65 -6.43 41.94
C MET D 45 28.57 -7.30 41.06
N GLU D 46 28.13 -7.61 39.84
CA GLU D 46 28.87 -8.48 38.94
C GLU D 46 29.47 -7.74 37.73
N PRO D 47 30.67 -8.15 37.26
CA PRO D 47 31.21 -7.53 36.05
C PRO D 47 30.49 -8.00 34.79
N ARG D 48 30.37 -7.11 33.78
CA ARG D 48 29.69 -7.34 32.50
C ARG D 48 30.49 -6.73 31.33
N ALA D 49 31.78 -6.41 31.55
CA ALA D 49 32.73 -5.87 30.57
C ALA D 49 34.15 -6.26 31.01
N PRO D 50 35.02 -6.74 30.09
CA PRO D 50 36.36 -7.18 30.51
C PRO D 50 37.20 -6.17 31.29
N TRP D 51 37.11 -4.88 30.96
CA TRP D 51 37.88 -3.82 31.61
C TRP D 51 37.46 -3.53 33.06
N ILE D 52 36.27 -3.96 33.48
CA ILE D 52 35.85 -3.75 34.87
C ILE D 52 36.37 -4.89 35.75
N GLU D 53 36.61 -6.08 35.15
CA GLU D 53 37.10 -7.29 35.82
C GLU D 53 38.43 -7.07 36.55
N GLN D 54 39.22 -6.06 36.14
CA GLN D 54 40.48 -5.70 36.77
C GLN D 54 40.30 -4.96 38.11
N GLU D 55 39.04 -4.64 38.47
CA GLU D 55 38.75 -3.97 39.75
C GLU D 55 38.85 -4.99 40.90
N GLY D 56 39.49 -4.57 41.98
CA GLY D 56 39.71 -5.39 43.15
C GLY D 56 38.48 -5.62 44.01
N PRO D 57 38.56 -6.53 45.01
CA PRO D 57 37.40 -6.80 45.88
C PRO D 57 36.87 -5.62 46.66
N GLU D 58 37.73 -4.62 46.97
CA GLU D 58 37.31 -3.42 47.69
C GLU D 58 36.29 -2.60 46.87
N TYR D 59 36.40 -2.66 45.50
CA TYR D 59 35.48 -2.01 44.57
C TYR D 59 34.14 -2.75 44.65
N TRP D 60 34.15 -4.07 44.41
CA TRP D 60 32.96 -4.92 44.44
C TRP D 60 32.25 -4.87 45.80
N ASP D 61 33.02 -4.79 46.90
CA ASP D 61 32.48 -4.68 48.25
C ASP D 61 31.68 -3.39 48.39
N GLN D 62 32.26 -2.25 47.93
CA GLN D 62 31.64 -0.93 48.01
C GLN D 62 30.42 -0.82 47.12
N GLU D 63 30.53 -1.30 45.87
CA GLU D 63 29.44 -1.27 44.90
C GLU D 63 28.26 -2.09 45.38
N THR D 64 28.52 -3.27 45.98
CA THR D 64 27.48 -4.14 46.55
C THR D 64 26.78 -3.44 47.72
N ARG D 65 27.55 -2.75 48.57
CA ARG D 65 27.03 -2.00 49.73
C ARG D 65 26.06 -0.91 49.29
N ASN D 66 26.47 -0.09 48.28
CA ASN D 66 25.72 1.01 47.71
C ASN D 66 24.39 0.55 47.10
N VAL D 67 24.41 -0.46 46.18
CA VAL D 67 23.18 -1.00 45.56
C VAL D 67 22.23 -1.62 46.54
N LYS D 68 22.76 -2.35 47.56
CA LYS D 68 21.92 -2.98 48.58
C LYS D 68 21.27 -1.92 49.46
N ALA D 69 22.01 -0.83 49.75
CA ALA D 69 21.52 0.29 50.55
C ALA D 69 20.35 0.97 49.83
N GLN D 70 20.47 1.14 48.49
CA GLN D 70 19.41 1.73 47.68
C GLN D 70 18.21 0.77 47.56
N SER D 71 18.48 -0.54 47.39
CA SER D 71 17.41 -1.55 47.32
C SER D 71 16.56 -1.53 48.60
N GLN D 72 17.23 -1.38 49.77
CA GLN D 72 16.56 -1.31 51.06
C GLN D 72 15.76 -0.02 51.23
N THR D 73 16.28 1.11 50.71
CA THR D 73 15.60 2.41 50.74
C THR D 73 14.35 2.36 49.85
N ASP D 74 14.47 1.69 48.68
CA ASP D 74 13.38 1.51 47.75
C ASP D 74 12.27 0.64 48.35
N ARG D 75 12.64 -0.38 49.13
CA ARG D 75 11.72 -1.29 49.83
C ARG D 75 10.79 -0.49 50.76
N VAL D 76 11.36 0.47 51.52
CA VAL D 76 10.61 1.33 52.44
C VAL D 76 9.82 2.37 51.67
N ASP D 77 10.46 3.04 50.69
CA ASP D 77 9.83 4.04 49.81
C ASP D 77 8.64 3.49 49.02
N LEU D 78 8.68 2.18 48.65
CA LEU D 78 7.61 1.44 47.98
C LEU D 78 6.35 1.50 48.86
N GLY D 79 6.54 1.32 50.18
CA GLY D 79 5.48 1.40 51.18
C GLY D 79 5.03 2.83 51.43
N THR D 80 6.00 3.78 51.52
CA THR D 80 5.77 5.21 51.75
C THR D 80 4.97 5.80 50.60
N LEU D 81 5.42 5.53 49.33
CA LEU D 81 4.83 6.03 48.08
C LEU D 81 3.36 5.71 47.89
N ARG D 82 2.89 4.85 48.78
CA ARG D 82 1.61 4.21 48.66
C ARG D 82 0.68 4.90 49.58
N GLY D 83 1.21 5.34 50.70
CA GLY D 83 0.45 6.18 51.57
C GLY D 83 0.19 7.43 50.82
N TYR D 84 1.17 7.85 50.05
CA TYR D 84 1.03 9.06 49.30
C TYR D 84 -0.11 8.93 48.34
N TYR D 85 -0.04 7.91 47.51
CA TYR D 85 -0.99 7.71 46.45
C TYR D 85 -2.21 6.94 46.85
N ASN D 86 -2.23 6.42 48.06
CA ASN D 86 -3.43 5.88 48.63
C ASN D 86 -3.88 4.61 47.97
N GLN D 87 -2.95 3.70 47.87
CA GLN D 87 -3.02 2.42 47.16
C GLN D 87 -2.99 1.24 48.13
N SER D 88 -3.63 0.12 47.76
CA SER D 88 -3.72 -1.10 48.55
C SER D 88 -2.44 -1.94 48.51
N GLU D 89 -2.24 -2.80 49.55
CA GLU D 89 -1.11 -3.74 49.67
C GLU D 89 -1.12 -4.72 48.51
N ASP D 90 -2.32 -4.96 47.96
CA ASP D 90 -2.67 -5.86 46.87
C ASP D 90 -1.83 -5.70 45.59
N GLY D 91 -1.72 -4.46 45.11
CA GLY D 91 -1.04 -4.14 43.86
C GLY D 91 0.48 -4.15 43.85
N SER D 92 1.04 -4.47 42.67
CA SER D 92 2.47 -4.47 42.36
C SER D 92 2.84 -3.07 41.82
N HIS D 93 3.96 -2.50 42.30
CA HIS D 93 4.40 -1.16 41.88
C HIS D 93 5.87 -1.09 41.50
N THR D 94 6.27 0.00 40.79
CA THR D 94 7.64 0.17 40.29
C THR D 94 8.27 1.52 40.65
N ILE D 95 9.53 1.48 41.14
CA ILE D 95 10.37 2.65 41.40
C ILE D 95 11.58 2.50 40.47
N GLN D 96 11.85 3.54 39.68
CA GLN D 96 12.99 3.57 38.77
C GLN D 96 13.79 4.82 39.03
N ILE D 97 15.13 4.67 39.05
CA ILE D 97 16.09 5.75 39.26
C ILE D 97 17.06 5.72 38.07
N MET D 98 17.34 6.90 37.52
CA MET D 98 18.34 7.09 36.48
C MET D 98 19.24 8.19 36.99
N TYR D 99 20.55 7.95 36.95
CA TYR D 99 21.56 8.92 37.34
C TYR D 99 22.86 8.70 36.60
N GLY D 100 23.63 9.77 36.46
CA GLY D 100 24.91 9.72 35.76
C GLY D 100 25.48 11.07 35.43
N CYS D 101 26.58 11.07 34.66
CA CYS D 101 27.28 12.29 34.25
C CYS D 101 27.84 12.17 32.85
N ASP D 102 28.00 13.31 32.18
CA ASP D 102 28.57 13.41 30.86
C ASP D 102 29.90 14.13 30.97
N VAL D 103 30.91 13.66 30.24
CA VAL D 103 32.22 14.31 30.18
C VAL D 103 32.53 14.75 28.75
N GLY D 104 33.34 15.80 28.62
CA GLY D 104 33.79 16.29 27.33
C GLY D 104 35.00 15.50 26.82
N PRO D 105 35.56 15.83 25.64
CA PRO D 105 36.76 15.10 25.16
C PRO D 105 37.98 15.28 26.06
N ASP D 106 38.01 16.37 26.85
CA ASP D 106 39.05 16.70 27.82
C ASP D 106 38.93 15.87 29.10
N GLY D 107 37.78 15.22 29.30
CA GLY D 107 37.49 14.40 30.46
C GLY D 107 36.91 15.18 31.62
N ARG D 108 36.45 16.41 31.33
CA ARG D 108 35.88 17.30 32.33
C ARG D 108 34.37 17.26 32.28
N PHE D 109 33.73 17.45 33.45
CA PHE D 109 32.29 17.47 33.66
C PHE D 109 31.55 18.42 32.71
N LEU D 110 30.42 17.96 32.15
CA LEU D 110 29.55 18.75 31.28
C LEU D 110 28.20 18.94 31.94
N ARG D 111 27.53 17.82 32.29
CA ARG D 111 26.22 17.81 32.95
C ARG D 111 25.99 16.53 33.73
N GLY D 112 25.20 16.63 34.79
CA GLY D 112 24.85 15.52 35.66
C GLY D 112 23.36 15.27 35.67
N TYR D 113 22.95 14.06 36.05
CA TYR D 113 21.54 13.66 36.08
C TYR D 113 21.19 12.85 37.30
N ARG D 114 19.94 12.99 37.74
CA ARG D 114 19.28 12.23 38.81
C ARG D 114 17.78 12.46 38.66
N GLN D 115 17.05 11.40 38.26
CA GLN D 115 15.61 11.44 38.07
C GLN D 115 14.98 10.12 38.50
N ASP D 116 13.83 10.23 39.17
CA ASP D 116 13.07 9.11 39.71
C ASP D 116 11.71 9.01 39.04
N ALA D 117 11.15 7.79 39.01
CA ALA D 117 9.83 7.51 38.44
C ALA D 117 9.08 6.49 39.24
N TYR D 118 7.80 6.77 39.51
CA TYR D 118 6.92 5.83 40.19
C TYR D 118 5.85 5.37 39.21
N ASP D 119 5.74 4.05 39.01
CA ASP D 119 4.79 3.41 38.10
C ASP D 119 4.85 3.97 36.66
N GLY D 120 6.07 4.05 36.13
CA GLY D 120 6.35 4.55 34.77
C GLY D 120 6.26 6.05 34.55
N LYS D 121 5.68 6.79 35.50
CA LYS D 121 5.49 8.24 35.40
C LYS D 121 6.56 8.96 36.21
N ASP D 122 7.06 10.12 35.68
CA ASP D 122 8.05 10.98 36.33
C ASP D 122 7.61 11.35 37.73
N TYR D 123 8.52 11.19 38.71
CA TYR D 123 8.21 11.48 40.10
C TYR D 123 8.95 12.73 40.55
N ILE D 124 10.28 12.63 40.73
CA ILE D 124 11.15 13.74 41.13
C ILE D 124 12.43 13.71 40.30
N ALA D 125 12.92 14.90 39.92
CA ALA D 125 14.12 15.02 39.12
C ALA D 125 14.99 16.17 39.58
N LEU D 126 16.30 15.94 39.57
CA LEU D 126 17.28 16.95 39.92
C LEU D 126 17.43 17.83 38.69
N ASN D 127 17.39 19.15 38.89
CA ASN D 127 17.49 20.14 37.81
C ASN D 127 18.91 20.25 37.28
N GLU D 128 19.07 20.82 36.07
CA GLU D 128 20.34 21.02 35.38
C GLU D 128 21.43 21.66 36.27
N ASP D 129 21.04 22.62 37.14
CA ASP D 129 21.95 23.31 38.06
C ASP D 129 22.51 22.42 39.16
N LEU D 130 21.84 21.27 39.40
CA LEU D 130 22.16 20.26 40.45
C LEU D 130 22.06 20.90 41.83
N ARG D 131 21.12 21.86 41.99
CA ARG D 131 20.91 22.63 43.22
C ARG D 131 19.44 22.68 43.65
N SER D 132 18.52 22.37 42.72
CA SER D 132 17.08 22.36 42.96
C SER D 132 16.42 21.08 42.41
N TRP D 133 15.17 20.81 42.84
CA TRP D 133 14.39 19.63 42.41
C TRP D 133 13.11 20.02 41.70
N THR D 134 12.61 19.13 40.83
CA THR D 134 11.35 19.31 40.12
C THR D 134 10.43 18.16 40.50
N ALA D 135 9.33 18.49 41.21
CA ALA D 135 8.34 17.52 41.65
C ALA D 135 7.21 17.47 40.61
N ALA D 136 6.95 16.28 40.05
CA ALA D 136 5.93 16.09 39.02
C ALA D 136 4.48 16.15 39.53
N ASP D 137 4.25 15.84 40.82
CA ASP D 137 2.90 15.86 41.41
C ASP D 137 2.89 16.24 42.90
N MET D 138 1.71 16.10 43.54
CA MET D 138 1.50 16.41 44.95
C MET D 138 2.28 15.53 45.90
N ALA D 139 2.38 14.22 45.60
CA ALA D 139 3.12 13.25 46.39
C ALA D 139 4.62 13.60 46.35
N ALA D 140 5.13 13.85 45.14
CA ALA D 140 6.52 14.22 44.85
C ALA D 140 6.96 15.50 45.57
N GLN D 141 5.99 16.41 45.85
CA GLN D 141 6.23 17.67 46.55
C GLN D 141 6.68 17.42 48.00
N ILE D 142 6.14 16.35 48.64
CA ILE D 142 6.49 15.94 50.00
C ILE D 142 7.96 15.47 50.02
N THR D 143 8.34 14.64 49.02
CA THR D 143 9.71 14.14 48.83
C THR D 143 10.65 15.33 48.63
N LYS D 144 10.25 16.29 47.76
CA LYS D 144 11.01 17.52 47.48
C LYS D 144 11.36 18.26 48.77
N ARG D 145 10.34 18.55 49.61
CA ARG D 145 10.49 19.24 50.88
C ARG D 145 11.41 18.48 51.84
N LYS D 146 11.34 17.11 51.84
CA LYS D 146 12.18 16.24 52.67
C LYS D 146 13.64 16.35 52.21
N TRP D 147 13.84 16.26 50.88
CA TRP D 147 15.15 16.31 50.24
C TRP D 147 15.81 17.68 50.32
N GLU D 148 14.99 18.75 50.42
CA GLU D 148 15.46 20.12 50.57
C GLU D 148 16.02 20.30 51.99
N ALA D 149 15.28 19.81 53.01
CA ALA D 149 15.67 19.86 54.42
C ALA D 149 16.95 19.05 54.70
N ALA D 150 17.07 17.89 54.03
CA ALA D 150 18.20 16.98 54.16
C ALA D 150 19.41 17.40 53.32
N HIS D 151 19.25 18.44 52.46
CA HIS D 151 20.29 18.97 51.55
C HIS D 151 20.81 17.87 50.60
N ALA D 152 19.86 17.08 50.06
CA ALA D 152 20.12 15.97 49.15
C ALA D 152 20.83 16.40 47.87
N ALA D 153 20.49 17.61 47.34
CA ALA D 153 21.09 18.15 46.11
C ALA D 153 22.60 18.35 46.21
N GLU D 154 23.09 18.87 47.36
CA GLU D 154 24.53 19.08 47.61
C GLU D 154 25.28 17.77 47.48
N GLN D 155 24.77 16.72 48.15
CA GLN D 155 25.32 15.36 48.15
C GLN D 155 25.29 14.72 46.77
N GLN D 156 24.21 14.95 45.99
CA GLN D 156 24.06 14.46 44.61
C GLN D 156 25.06 15.18 43.69
N ARG D 157 25.12 16.53 43.79
CA ARG D 157 26.04 17.37 43.01
C ARG D 157 27.49 16.98 43.27
N ALA D 158 27.83 16.70 44.56
CA ALA D 158 29.17 16.27 44.98
C ALA D 158 29.60 14.99 44.26
N TYR D 159 28.64 14.05 44.04
CA TYR D 159 28.89 12.81 43.34
C TYR D 159 28.99 13.05 41.83
N LEU D 160 27.95 13.65 41.22
CA LEU D 160 27.85 13.89 39.79
C LEU D 160 28.99 14.71 39.20
N GLU D 161 29.43 15.76 39.93
CA GLU D 161 30.52 16.63 39.51
C GLU D 161 31.88 16.05 39.90
N GLY D 162 31.92 15.24 40.96
CA GLY D 162 33.15 14.66 41.49
C GLY D 162 33.42 13.21 41.17
N ARG D 163 33.02 12.30 42.09
CA ARG D 163 33.25 10.85 41.98
C ARG D 163 32.78 10.23 40.67
N CYS D 164 31.65 10.71 40.14
CA CYS D 164 31.08 10.20 38.89
C CYS D 164 32.03 10.41 37.72
N VAL D 165 32.58 11.64 37.58
CA VAL D 165 33.51 11.97 36.49
C VAL D 165 34.88 11.31 36.68
N GLU D 166 35.31 11.14 37.95
CA GLU D 166 36.58 10.51 38.29
C GLU D 166 36.55 9.02 37.94
N TRP D 167 35.40 8.33 38.21
CA TRP D 167 35.21 6.91 37.86
C TRP D 167 35.28 6.76 36.34
N LEU D 168 34.50 7.60 35.60
CA LEU D 168 34.47 7.65 34.13
C LEU D 168 35.88 7.78 33.54
N ARG D 169 36.74 8.68 34.10
CA ARG D 169 38.13 8.89 33.67
C ARG D 169 38.90 7.55 33.76
N ARG D 170 38.93 6.93 34.98
CA ARG D 170 39.59 5.65 35.23
C ARG D 170 39.04 4.59 34.25
N TYR D 171 37.70 4.54 34.07
CA TYR D 171 37.04 3.60 33.17
C TYR D 171 37.47 3.75 31.72
N LEU D 172 37.50 5.01 31.22
CA LEU D 172 37.90 5.33 29.86
C LEU D 172 39.35 4.98 29.58
N GLU D 173 40.23 5.15 30.58
CA GLU D 173 41.64 4.80 30.44
C GLU D 173 41.79 3.28 30.46
N ASN D 174 41.19 2.61 31.47
CA ASN D 174 41.23 1.16 31.63
C ASN D 174 40.60 0.38 30.48
N GLY D 175 39.56 0.94 29.87
CA GLY D 175 38.87 0.32 28.74
C GLY D 175 38.99 1.07 27.44
N LYS D 176 40.16 1.71 27.17
CA LYS D 176 40.41 2.47 25.94
C LYS D 176 40.21 1.68 24.65
N GLU D 177 40.69 0.42 24.61
CA GLU D 177 40.54 -0.46 23.43
C GLU D 177 39.09 -0.83 23.13
N THR D 178 38.21 -0.83 24.16
CA THR D 178 36.80 -1.18 24.02
C THR D 178 35.92 0.05 23.92
N LEU D 179 35.98 0.93 24.93
CA LEU D 179 35.15 2.14 25.02
C LEU D 179 35.48 3.24 24.01
N GLN D 180 36.75 3.36 23.62
CA GLN D 180 37.14 4.41 22.67
C GLN D 180 37.20 3.91 21.22
N ARG D 181 36.73 2.66 20.99
CA ARG D 181 36.66 2.04 19.66
C ARG D 181 35.50 2.62 18.83
N THR D 182 35.61 2.57 17.50
CA THR D 182 34.62 3.07 16.55
C THR D 182 34.44 2.01 15.47
N ASP D 183 33.61 0.99 15.78
CA ASP D 183 33.29 -0.12 14.88
C ASP D 183 32.39 0.37 13.73
N PRO D 184 32.86 0.32 12.46
CA PRO D 184 32.01 0.80 11.36
C PRO D 184 30.92 -0.22 10.97
N PRO D 185 29.77 0.24 10.41
CA PRO D 185 28.72 -0.73 10.06
C PRO D 185 29.00 -1.54 8.79
N LYS D 186 28.61 -2.84 8.82
CA LYS D 186 28.70 -3.77 7.69
C LYS D 186 27.43 -3.55 6.87
N THR D 187 27.54 -2.78 5.78
CA THR D 187 26.40 -2.43 4.94
C THR D 187 26.12 -3.39 3.80
N HIS D 188 24.81 -3.64 3.53
CA HIS D 188 24.29 -4.45 2.43
C HIS D 188 22.85 -4.03 2.09
N MET D 189 22.37 -4.38 0.88
CA MET D 189 21.03 -4.00 0.45
C MET D 189 20.22 -5.18 -0.08
N THR D 190 18.91 -5.17 0.20
CA THR D 190 17.97 -6.21 -0.24
C THR D 190 16.77 -5.60 -0.97
N HIS D 191 16.26 -6.35 -1.96
CA HIS D 191 15.14 -5.95 -2.81
C HIS D 191 14.08 -7.05 -2.82
N HIS D 192 12.84 -6.67 -2.48
CA HIS D 192 11.70 -7.60 -2.44
C HIS D 192 10.49 -6.98 -3.15
N PRO D 193 10.03 -7.54 -4.28
CA PRO D 193 8.88 -6.96 -4.98
C PRO D 193 7.54 -7.26 -4.32
N ILE D 194 6.78 -6.21 -3.98
CA ILE D 194 5.45 -6.31 -3.37
C ILE D 194 4.45 -6.68 -4.47
N SER D 195 4.30 -5.78 -5.44
CA SER D 195 3.39 -5.85 -6.56
C SER D 195 4.18 -6.05 -7.86
N ASP D 196 3.50 -5.98 -9.03
CA ASP D 196 4.12 -6.07 -10.34
C ASP D 196 4.75 -4.70 -10.70
N HIS D 197 4.32 -3.63 -9.97
CA HIS D 197 4.76 -2.25 -10.17
C HIS D 197 5.38 -1.58 -8.93
N GLU D 198 5.40 -2.28 -7.79
CA GLU D 198 6.00 -1.78 -6.54
C GLU D 198 7.01 -2.77 -5.96
N ALA D 199 8.06 -2.25 -5.28
CA ALA D 199 9.12 -3.06 -4.67
C ALA D 199 9.71 -2.40 -3.42
N THR D 200 10.11 -3.23 -2.42
CA THR D 200 10.73 -2.77 -1.18
C THR D 200 12.24 -2.82 -1.30
N LEU D 201 12.88 -1.69 -1.04
CA LEU D 201 14.34 -1.53 -1.07
C LEU D 201 14.79 -1.33 0.38
N ARG D 202 15.44 -2.35 0.98
CA ARG D 202 15.88 -2.33 2.37
C ARG D 202 17.39 -2.25 2.51
N CYS D 203 17.87 -1.24 3.26
CA CYS D 203 19.29 -1.03 3.51
C CYS D 203 19.65 -1.42 4.94
N TRP D 204 20.71 -2.23 5.10
CA TRP D 204 21.17 -2.76 6.37
C TRP D 204 22.47 -2.16 6.87
N ALA D 205 22.59 -2.06 8.21
CA ALA D 205 23.77 -1.59 8.91
C ALA D 205 23.94 -2.55 10.08
N LEU D 206 25.00 -3.39 10.04
CA LEU D 206 25.24 -4.41 11.05
C LEU D 206 26.61 -4.30 11.72
N GLY D 207 26.67 -4.74 12.98
CA GLY D 207 27.88 -4.80 13.79
C GLY D 207 28.64 -3.52 14.01
N PHE D 208 27.92 -2.44 14.35
CA PHE D 208 28.52 -1.13 14.60
C PHE D 208 28.48 -0.73 16.07
N TYR D 209 29.43 0.14 16.47
CA TYR D 209 29.55 0.72 17.81
C TYR D 209 30.22 2.10 17.70
N PRO D 210 29.69 3.19 18.34
CA PRO D 210 28.49 3.27 19.19
C PRO D 210 27.15 3.06 18.46
N ALA D 211 26.04 3.05 19.22
CA ALA D 211 24.68 2.85 18.70
C ALA D 211 24.19 3.96 17.78
N GLU D 212 24.79 5.17 17.89
CA GLU D 212 24.43 6.34 17.08
C GLU D 212 24.75 6.13 15.60
N ILE D 213 23.68 6.07 14.81
CA ILE D 213 23.75 5.90 13.36
C ILE D 213 22.62 6.70 12.68
N THR D 214 22.84 7.06 11.41
CA THR D 214 21.85 7.79 10.62
C THR D 214 21.72 7.12 9.26
N LEU D 215 20.53 6.57 9.00
CA LEU D 215 20.18 5.92 7.72
C LEU D 215 19.17 6.81 7.03
N THR D 216 19.49 7.25 5.81
CA THR D 216 18.63 8.13 5.01
C THR D 216 18.53 7.64 3.58
N TRP D 217 17.35 7.81 2.96
CA TRP D 217 17.10 7.43 1.58
C TRP D 217 17.07 8.67 0.71
N GLN D 218 17.55 8.54 -0.54
CA GLN D 218 17.57 9.62 -1.52
C GLN D 218 17.15 9.11 -2.88
N ARG D 219 16.36 9.91 -3.61
CA ARG D 219 15.89 9.62 -4.96
C ARG D 219 16.49 10.70 -5.87
N ASP D 220 17.50 10.31 -6.69
CA ASP D 220 18.26 11.17 -7.59
C ASP D 220 18.90 12.40 -6.91
N GLY D 221 19.33 12.21 -5.66
CA GLY D 221 19.96 13.24 -4.85
C GLY D 221 19.04 14.03 -3.94
N GLU D 222 17.71 13.78 -4.02
CA GLU D 222 16.72 14.48 -3.19
C GLU D 222 16.25 13.61 -2.02
N ASP D 223 16.44 14.13 -0.79
CA ASP D 223 16.09 13.46 0.47
C ASP D 223 14.67 12.91 0.54
N GLN D 224 14.57 11.58 0.56
CA GLN D 224 13.32 10.82 0.59
C GLN D 224 12.92 10.49 2.02
N THR D 225 11.70 10.91 2.42
CA THR D 225 11.11 10.62 3.73
C THR D 225 9.71 10.01 3.53
N GLN D 226 9.16 10.19 2.31
CA GLN D 226 7.87 9.66 1.89
C GLN D 226 8.02 8.17 1.59
N ASP D 227 7.16 7.34 2.21
CA ASP D 227 7.13 5.87 2.07
C ASP D 227 8.38 5.18 2.66
N THR D 228 9.07 5.83 3.62
CA THR D 228 10.26 5.28 4.30
C THR D 228 9.91 4.66 5.65
N GLU D 229 10.43 3.45 5.90
CA GLU D 229 10.23 2.71 7.15
C GLU D 229 11.58 2.56 7.86
N LEU D 230 11.60 2.79 9.18
CA LEU D 230 12.80 2.67 10.00
C LEU D 230 12.55 1.79 11.21
N VAL D 231 13.56 1.03 11.63
CA VAL D 231 13.49 0.22 12.84
C VAL D 231 14.36 0.84 13.92
N GLU D 232 13.94 0.66 15.18
CA GLU D 232 14.64 1.10 16.37
C GLU D 232 16.02 0.39 16.38
N THR D 233 17.11 1.14 16.63
CA THR D 233 18.48 0.58 16.69
C THR D 233 18.49 -0.50 17.78
N ARG D 234 18.66 -1.75 17.34
CA ARG D 234 18.59 -2.95 18.17
C ARG D 234 19.96 -3.55 18.52
N PRO D 235 20.13 -4.19 19.71
CA PRO D 235 21.44 -4.79 20.02
C PRO D 235 21.63 -6.13 19.30
N ALA D 236 22.86 -6.42 18.86
CA ALA D 236 23.15 -7.69 18.19
C ALA D 236 23.39 -8.80 19.23
N GLY D 237 23.80 -8.41 20.44
CA GLY D 237 24.07 -9.31 21.55
C GLY D 237 25.53 -9.59 21.80
N ASP D 238 26.40 -8.99 20.98
CA ASP D 238 27.86 -9.15 21.08
C ASP D 238 28.55 -7.82 21.39
N GLY D 239 27.76 -6.83 21.79
CA GLY D 239 28.25 -5.49 22.11
C GLY D 239 28.17 -4.54 20.93
N THR D 240 27.52 -4.98 19.83
CA THR D 240 27.32 -4.17 18.63
C THR D 240 25.83 -3.98 18.37
N PHE D 241 25.50 -3.04 17.48
CA PHE D 241 24.12 -2.70 17.15
C PHE D 241 23.75 -2.95 15.69
N GLN D 242 22.45 -2.99 15.41
CA GLN D 242 21.88 -3.22 14.08
C GLN D 242 20.76 -2.23 13.81
N LYS D 243 20.61 -1.84 12.52
CA LYS D 243 19.55 -0.94 12.05
C LYS D 243 19.27 -1.16 10.57
N TRP D 244 18.01 -1.00 10.18
CA TRP D 244 17.63 -1.04 8.78
C TRP D 244 16.62 0.03 8.41
N ALA D 245 16.68 0.49 7.15
CA ALA D 245 15.79 1.50 6.59
C ALA D 245 15.26 0.99 5.25
N ALA D 246 13.93 0.97 5.12
CA ALA D 246 13.27 0.49 3.90
C ALA D 246 12.45 1.58 3.21
N VAL D 247 12.28 1.46 1.89
CA VAL D 247 11.50 2.39 1.06
C VAL D 247 10.74 1.63 -0.04
N VAL D 248 9.47 1.98 -0.26
CA VAL D 248 8.65 1.36 -1.31
C VAL D 248 8.83 2.19 -2.58
N VAL D 249 9.43 1.58 -3.61
CA VAL D 249 9.80 2.21 -4.86
C VAL D 249 9.00 1.67 -6.06
N PRO D 250 8.78 2.47 -7.14
CA PRO D 250 8.10 1.91 -8.33
C PRO D 250 9.07 0.99 -9.08
N SER D 251 8.62 -0.22 -9.45
CA SER D 251 9.44 -1.22 -10.15
C SER D 251 10.11 -0.65 -11.40
N GLY D 252 11.41 -0.88 -11.53
CA GLY D 252 12.23 -0.39 -12.62
C GLY D 252 13.00 0.88 -12.29
N GLU D 253 12.59 1.58 -11.21
CA GLU D 253 13.20 2.82 -10.75
C GLU D 253 14.14 2.62 -9.54
N GLU D 254 14.50 1.36 -9.22
CA GLU D 254 15.37 1.01 -8.09
C GLU D 254 16.75 1.72 -8.06
N GLN D 255 17.37 1.92 -9.24
CA GLN D 255 18.68 2.55 -9.38
C GLN D 255 18.71 4.07 -9.16
N ARG D 256 17.52 4.70 -9.09
CA ARG D 256 17.38 6.12 -8.82
C ARG D 256 17.63 6.36 -7.33
N TYR D 257 17.33 5.34 -6.52
CA TYR D 257 17.41 5.35 -5.07
C TYR D 257 18.78 4.99 -4.48
N THR D 258 19.21 5.80 -3.50
CA THR D 258 20.47 5.61 -2.76
C THR D 258 20.29 5.73 -1.27
N CYS D 259 20.97 4.87 -0.52
CA CYS D 259 20.93 4.91 0.93
C CYS D 259 22.22 5.49 1.49
N HIS D 260 22.08 6.45 2.43
CA HIS D 260 23.22 7.13 3.04
C HIS D 260 23.37 6.77 4.50
N VAL D 261 24.50 6.12 4.82
CA VAL D 261 24.85 5.65 6.15
C VAL D 261 25.82 6.63 6.80
N GLN D 262 25.46 7.14 7.98
CA GLN D 262 26.29 8.07 8.75
C GLN D 262 26.63 7.46 10.11
N HIS D 263 27.93 7.20 10.34
CA HIS D 263 28.43 6.61 11.57
C HIS D 263 29.80 7.19 11.92
N GLU D 264 30.09 7.28 13.23
CA GLU D 264 31.34 7.78 13.81
C GLU D 264 32.55 6.96 13.31
N GLY D 265 32.35 5.65 13.15
CA GLY D 265 33.38 4.71 12.69
C GLY D 265 33.69 4.74 11.20
N LEU D 266 32.95 5.59 10.44
CA LEU D 266 33.14 5.75 9.00
C LEU D 266 33.98 7.01 8.70
N PRO D 267 35.05 6.90 7.87
CA PRO D 267 35.85 8.11 7.53
C PRO D 267 34.98 9.14 6.78
N LYS D 268 34.17 8.66 5.83
CA LYS D 268 33.22 9.43 5.05
C LYS D 268 31.91 8.63 4.92
N PRO D 269 30.72 9.29 4.86
CA PRO D 269 29.46 8.54 4.75
C PRO D 269 29.34 7.64 3.53
N LEU D 270 28.84 6.40 3.73
CA LEU D 270 28.65 5.41 2.67
C LEU D 270 27.41 5.71 1.84
N THR D 271 27.47 5.38 0.54
CA THR D 271 26.38 5.54 -0.41
C THR D 271 26.11 4.18 -1.05
N LEU D 272 24.95 3.60 -0.74
CA LEU D 272 24.55 2.27 -1.23
C LEU D 272 23.48 2.42 -2.32
N ARG D 273 23.65 1.70 -3.44
CA ARG D 273 22.72 1.72 -4.57
C ARG D 273 22.49 0.30 -5.10
N TRP D 274 21.22 -0.01 -5.44
CA TRP D 274 20.83 -1.32 -5.97
C TRP D 274 21.20 -1.46 -7.45
N MET E 1 -2.72 3.77 36.09
CA MET E 1 -1.32 3.33 36.10
C MET E 1 -0.77 3.23 34.68
N ILE E 2 0.54 3.48 34.51
CA ILE E 2 1.18 3.41 33.20
C ILE E 2 1.30 1.99 32.69
N GLN E 3 0.65 1.74 31.53
CA GLN E 3 0.65 0.46 30.83
C GLN E 3 1.04 0.72 29.39
N ARG E 4 2.14 0.10 28.94
CA ARG E 4 2.69 0.25 27.60
C ARG E 4 2.95 -1.10 26.95
N THR E 5 2.49 -1.27 25.71
CA THR E 5 2.62 -2.49 24.92
C THR E 5 4.05 -2.66 24.42
N PRO E 6 4.60 -3.90 24.45
CA PRO E 6 5.94 -4.09 23.92
C PRO E 6 6.04 -4.01 22.39
N LYS E 7 7.22 -3.62 21.92
CA LYS E 7 7.58 -3.55 20.51
C LYS E 7 8.49 -4.77 20.30
N ILE E 8 8.13 -5.68 19.38
CA ILE E 8 8.88 -6.91 19.14
C ILE E 8 9.72 -6.87 17.86
N GLN E 9 10.94 -7.42 17.94
CA GLN E 9 11.86 -7.55 16.81
C GLN E 9 12.57 -8.89 16.89
N VAL E 10 12.36 -9.76 15.88
CA VAL E 10 12.99 -11.07 15.82
C VAL E 10 14.02 -11.02 14.73
N TYR E 11 15.27 -11.38 15.06
CA TYR E 11 16.42 -11.31 14.15
C TYR E 11 17.57 -12.19 14.59
N SER E 12 18.65 -12.21 13.79
CA SER E 12 19.86 -12.98 14.05
C SER E 12 21.05 -12.05 14.33
N ARG E 13 22.04 -12.53 15.11
CA ARG E 13 23.25 -11.77 15.47
C ARG E 13 24.06 -11.42 14.22
N HIS E 14 24.25 -12.41 13.35
CA HIS E 14 24.99 -12.31 12.09
C HIS E 14 24.07 -12.65 10.92
N PRO E 15 24.36 -12.23 9.66
CA PRO E 15 23.45 -12.57 8.55
C PRO E 15 23.27 -14.09 8.41
N ALA E 16 22.01 -14.53 8.26
CA ALA E 16 21.63 -15.93 8.17
C ALA E 16 22.23 -16.67 6.97
N GLU E 17 22.97 -17.76 7.28
CA GLU E 17 23.62 -18.65 6.33
C GLU E 17 23.47 -20.08 6.85
N ASN E 18 22.69 -20.90 6.12
CA ASN E 18 22.36 -22.29 6.44
C ASN E 18 23.56 -23.17 6.79
N GLY E 19 23.44 -23.90 7.91
CA GLY E 19 24.48 -24.79 8.41
C GLY E 19 25.48 -24.14 9.35
N LYS E 20 25.61 -22.80 9.28
CA LYS E 20 26.52 -22.01 10.12
C LYS E 20 25.87 -21.65 11.46
N SER E 21 26.66 -21.74 12.56
CA SER E 21 26.22 -21.42 13.92
C SER E 21 25.96 -19.91 14.06
N ASN E 22 24.81 -19.55 14.67
CA ASN E 22 24.38 -18.16 14.87
C ASN E 22 23.61 -18.02 16.20
N PHE E 23 22.98 -16.85 16.43
CA PHE E 23 22.18 -16.54 17.60
C PHE E 23 20.84 -15.97 17.19
N LEU E 24 19.74 -16.52 17.71
CA LEU E 24 18.40 -16.02 17.42
C LEU E 24 18.05 -15.03 18.50
N ASN E 25 17.80 -13.77 18.09
CA ASN E 25 17.50 -12.69 19.02
C ASN E 25 16.05 -12.25 18.97
N CYS E 26 15.54 -11.85 20.14
CA CYS E 26 14.23 -11.25 20.30
C CYS E 26 14.37 -10.03 21.18
N TYR E 27 14.14 -8.87 20.60
CA TYR E 27 14.26 -7.60 21.30
C TYR E 27 12.92 -6.97 21.61
N VAL E 28 12.49 -7.12 22.87
CA VAL E 28 11.26 -6.53 23.37
C VAL E 28 11.60 -5.19 24.03
N SER E 29 10.89 -4.13 23.64
CA SER E 29 11.15 -2.79 24.18
C SER E 29 9.85 -1.99 24.29
N GLY E 30 9.99 -0.76 24.82
CA GLY E 30 8.90 0.19 25.01
C GLY E 30 7.76 -0.25 25.92
N PHE E 31 7.96 -1.34 26.68
CA PHE E 31 6.93 -1.87 27.57
C PHE E 31 7.00 -1.37 29.01
N HIS E 32 5.86 -1.47 29.71
CA HIS E 32 5.63 -1.13 31.11
C HIS E 32 4.29 -1.76 31.54
N PRO E 33 4.20 -2.53 32.65
CA PRO E 33 5.24 -2.84 33.64
C PRO E 33 6.31 -3.83 33.18
N SER E 34 7.35 -3.97 34.01
CA SER E 34 8.53 -4.83 33.86
C SER E 34 8.20 -6.28 33.51
N ASP E 35 7.17 -6.85 34.14
CA ASP E 35 6.75 -8.24 33.96
C ASP E 35 6.34 -8.58 32.52
N ILE E 36 7.05 -9.55 31.92
CA ILE E 36 6.86 -10.01 30.54
C ILE E 36 7.26 -11.49 30.37
N GLU E 37 6.57 -12.19 29.45
CA GLU E 37 6.84 -13.59 29.12
C GLU E 37 7.32 -13.62 27.67
N VAL E 38 8.61 -13.94 27.46
CA VAL E 38 9.20 -14.00 26.12
C VAL E 38 9.82 -15.36 25.90
N ASP E 39 9.33 -16.08 24.86
CA ASP E 39 9.80 -17.40 24.48
C ASP E 39 10.23 -17.40 23.03
N LEU E 40 11.28 -18.16 22.72
CA LEU E 40 11.77 -18.33 21.35
C LEU E 40 11.25 -19.67 20.85
N LEU E 41 10.70 -19.70 19.62
CA LEU E 41 10.11 -20.91 19.06
C LEU E 41 10.85 -21.49 17.86
N LYS E 42 10.93 -22.83 17.79
CA LYS E 42 11.49 -23.60 16.69
C LYS E 42 10.37 -24.54 16.23
N ASN E 43 9.73 -24.19 15.10
CA ASN E 43 8.60 -24.92 14.50
C ASN E 43 7.39 -25.03 15.45
N GLY E 44 7.09 -23.93 16.13
CA GLY E 44 5.98 -23.81 17.08
C GLY E 44 6.26 -24.33 18.47
N GLU E 45 7.42 -24.99 18.68
CA GLU E 45 7.82 -25.56 19.97
C GLU E 45 8.79 -24.65 20.70
N ARG E 46 8.56 -24.45 22.01
CA ARG E 46 9.34 -23.60 22.91
C ARG E 46 10.80 -24.09 23.02
N ILE E 47 11.77 -23.21 22.73
CA ILE E 47 13.20 -23.53 22.80
C ILE E 47 13.63 -23.44 24.27
N GLU E 48 14.20 -24.54 24.80
CA GLU E 48 14.71 -24.55 26.17
C GLU E 48 16.09 -23.91 26.19
N LYS E 49 16.53 -23.43 27.38
CA LYS E 49 17.83 -22.77 27.59
C LYS E 49 17.98 -21.49 26.74
N VAL E 50 17.09 -20.51 26.99
CA VAL E 50 17.05 -19.20 26.36
C VAL E 50 17.44 -18.17 27.44
N GLU E 51 18.58 -17.51 27.24
CA GLU E 51 19.10 -16.50 28.17
C GLU E 51 18.55 -15.12 27.80
N HIS E 52 18.66 -14.16 28.72
CA HIS E 52 18.24 -12.78 28.48
C HIS E 52 19.15 -11.76 29.14
N SER E 53 19.14 -10.53 28.60
CA SER E 53 19.91 -9.40 29.11
C SER E 53 19.32 -8.96 30.45
N ASP E 54 20.05 -8.11 31.18
CA ASP E 54 19.58 -7.61 32.48
C ASP E 54 18.61 -6.47 32.25
N LEU E 55 17.48 -6.46 33.00
CA LEU E 55 16.44 -5.44 32.87
C LEU E 55 17.00 -4.02 32.95
N SER E 56 16.73 -3.26 31.89
CA SER E 56 17.13 -1.86 31.76
C SER E 56 15.97 -1.09 31.12
N PHE E 57 16.06 0.25 31.11
CA PHE E 57 15.00 1.08 30.56
C PHE E 57 15.47 2.27 29.74
N SER E 58 14.53 2.92 29.01
CA SER E 58 14.74 4.09 28.15
C SER E 58 14.73 5.40 28.95
N LYS E 59 14.72 6.53 28.25
CA LYS E 59 14.64 7.86 28.89
C LYS E 59 13.22 8.11 29.41
N ASP E 60 12.20 7.51 28.76
CA ASP E 60 10.81 7.64 29.16
C ASP E 60 10.35 6.51 30.11
N TRP E 61 11.32 5.89 30.80
CA TRP E 61 11.11 4.81 31.79
C TRP E 61 10.60 3.48 31.21
N SER E 62 10.54 3.34 29.87
CA SER E 62 10.08 2.12 29.21
C SER E 62 11.17 1.05 29.16
N PHE E 63 10.85 -0.15 29.66
CA PHE E 63 11.76 -1.29 29.74
C PHE E 63 12.15 -1.89 28.40
N TYR E 64 13.33 -2.53 28.37
CA TYR E 64 13.84 -3.26 27.21
C TYR E 64 14.64 -4.46 27.65
N LEU E 65 14.56 -5.54 26.87
CA LEU E 65 15.24 -6.82 27.11
C LEU E 65 15.60 -7.50 25.82
N LEU E 66 16.72 -8.22 25.82
CA LEU E 66 17.13 -9.02 24.67
C LEU E 66 17.16 -10.48 25.08
N TYR E 67 16.28 -11.29 24.47
CA TYR E 67 16.20 -12.73 24.69
C TYR E 67 16.94 -13.39 23.53
N TYR E 68 17.86 -14.32 23.85
CA TYR E 68 18.71 -14.96 22.84
C TYR E 68 18.99 -16.43 23.10
N THR E 69 19.28 -17.18 22.03
CA THR E 69 19.65 -18.59 22.05
C THR E 69 20.57 -18.92 20.88
N GLU E 70 21.58 -19.78 21.10
CA GLU E 70 22.48 -20.19 20.02
C GLU E 70 21.74 -21.20 19.14
N PHE E 71 21.72 -20.95 17.83
CA PHE E 71 21.01 -21.79 16.87
C PHE E 71 21.74 -21.93 15.54
N THR E 72 21.44 -23.01 14.82
CA THR E 72 21.99 -23.26 13.48
C THR E 72 20.82 -23.29 12.49
N PRO E 73 20.65 -22.22 11.67
CA PRO E 73 19.49 -22.19 10.75
C PRO E 73 19.57 -23.16 9.58
N THR E 74 18.40 -23.67 9.17
CA THR E 74 18.21 -24.60 8.05
C THR E 74 17.01 -24.10 7.24
N GLU E 75 16.91 -24.51 5.96
CA GLU E 75 15.82 -24.12 5.06
C GLU E 75 14.46 -24.66 5.56
N LYS E 76 14.47 -25.88 6.13
CA LYS E 76 13.31 -26.58 6.66
C LYS E 76 12.72 -25.98 7.94
N ASP E 77 13.57 -25.70 8.96
CA ASP E 77 13.15 -25.16 10.26
C ASP E 77 12.64 -23.73 10.21
N GLU E 78 11.49 -23.49 10.88
CA GLU E 78 10.83 -22.19 10.98
C GLU E 78 11.01 -21.66 12.41
N TYR E 79 11.68 -20.49 12.54
CA TYR E 79 11.92 -19.86 13.83
C TYR E 79 11.02 -18.65 14.03
N ALA E 80 10.50 -18.48 15.26
CA ALA E 80 9.61 -17.37 15.62
C ALA E 80 9.77 -16.97 17.08
N CYS E 81 8.96 -16.00 17.54
CA CYS E 81 9.00 -15.55 18.93
C CYS E 81 7.63 -15.23 19.52
N ARG E 82 7.31 -15.89 20.65
CA ARG E 82 6.06 -15.72 21.39
C ARG E 82 6.30 -14.78 22.58
N VAL E 83 5.54 -13.66 22.61
CA VAL E 83 5.64 -12.62 23.63
C VAL E 83 4.27 -12.40 24.29
N ASN E 84 4.23 -12.34 25.63
CA ASN E 84 3.01 -12.05 26.37
C ASN E 84 3.27 -11.01 27.47
N HIS E 85 2.36 -10.05 27.61
CA HIS E 85 2.43 -8.94 28.55
C HIS E 85 1.02 -8.69 29.07
N VAL E 86 0.86 -7.85 30.12
CA VAL E 86 -0.47 -7.51 30.66
C VAL E 86 -1.32 -6.81 29.58
N THR E 87 -0.66 -5.97 28.75
CA THR E 87 -1.29 -5.21 27.66
C THR E 87 -1.86 -6.16 26.59
N LEU E 88 -1.12 -7.22 26.25
CA LEU E 88 -1.53 -8.23 25.27
C LEU E 88 -2.61 -9.15 25.86
N SER E 89 -3.76 -9.25 25.15
CA SER E 89 -4.91 -10.10 25.52
C SER E 89 -4.60 -11.58 25.32
N GLN E 90 -3.69 -11.87 24.38
CA GLN E 90 -3.23 -13.21 24.02
C GLN E 90 -1.78 -13.17 23.53
N PRO E 91 -0.95 -14.21 23.75
CA PRO E 91 0.44 -14.17 23.25
C PRO E 91 0.58 -13.78 21.79
N LYS E 92 1.41 -12.75 21.52
CA LYS E 92 1.70 -12.22 20.19
C LYS E 92 2.90 -12.98 19.62
N ILE E 93 2.74 -13.59 18.42
CA ILE E 93 3.82 -14.34 17.79
C ILE E 93 4.36 -13.61 16.57
N VAL E 94 5.68 -13.35 16.58
CA VAL E 94 6.38 -12.67 15.49
C VAL E 94 7.34 -13.66 14.87
N LYS E 95 7.13 -13.95 13.58
CA LYS E 95 7.92 -14.91 12.81
C LYS E 95 9.25 -14.30 12.42
N TRP E 96 10.32 -15.11 12.42
CA TRP E 96 11.63 -14.64 12.01
C TRP E 96 11.73 -14.70 10.50
N ASP E 97 11.96 -13.53 9.88
CA ASP E 97 12.16 -13.38 8.46
C ASP E 97 13.64 -13.13 8.27
N ARG E 98 14.29 -13.89 7.37
CA ARG E 98 15.72 -13.77 7.08
C ARG E 98 16.12 -12.34 6.63
N ASP E 99 15.13 -11.49 6.28
CA ASP E 99 15.35 -10.11 5.88
C ASP E 99 14.43 -9.08 6.59
N MET E 100 14.57 -8.99 7.94
CA MET E 100 13.85 -8.07 8.84
C MET E 100 14.48 -8.03 10.25
N GLY F 1 31.45 3.86 38.92
CA GLY F 1 31.10 3.58 40.30
C GLY F 1 29.84 4.29 40.73
N THR F 2 29.01 3.60 41.52
CA THR F 2 27.72 4.08 42.02
C THR F 2 27.85 5.15 43.09
N SER F 3 26.72 5.81 43.41
CA SER F 3 26.59 6.80 44.46
C SER F 3 26.39 6.08 45.80
N GLY F 4 27.25 6.39 46.77
CA GLY F 4 27.17 5.84 48.12
C GLY F 4 26.16 6.68 48.85
N SER F 5 26.62 7.61 49.69
CA SER F 5 25.71 8.56 50.34
C SER F 5 25.36 9.65 49.27
N PRO F 6 24.17 10.32 49.27
CA PRO F 6 23.11 10.36 50.30
C PRO F 6 22.30 9.10 50.65
N ILE F 7 21.44 8.62 49.70
CA ILE F 7 20.49 7.50 49.87
C ILE F 7 19.50 7.90 51.01
N ILE F 8 18.62 8.88 50.69
CA ILE F 8 17.62 9.43 51.61
C ILE F 8 16.26 8.89 51.18
N ASN F 9 15.38 8.64 52.16
CA ASN F 9 14.04 8.13 51.93
C ASN F 9 13.13 9.19 51.29
N ARG F 10 12.18 8.74 50.44
CA ARG F 10 11.21 9.61 49.77
C ARG F 10 10.08 10.03 50.70
N GLY G 1 -11.89 -39.38 -21.97
CA GLY G 1 -10.82 -39.16 -21.00
C GLY G 1 -11.37 -38.74 -19.65
N SER G 2 -10.78 -37.69 -19.04
CA SER G 2 -11.24 -37.18 -17.76
C SER G 2 -12.35 -36.15 -17.93
N HIS G 3 -13.40 -36.27 -17.09
CA HIS G 3 -14.57 -35.38 -17.17
C HIS G 3 -14.88 -34.68 -15.86
N SER G 4 -15.70 -33.63 -15.94
CA SER G 4 -16.09 -32.84 -14.77
C SER G 4 -17.52 -32.33 -14.84
N MET G 5 -18.18 -32.26 -13.68
CA MET G 5 -19.49 -31.66 -13.53
C MET G 5 -19.30 -30.48 -12.59
N ARG G 6 -19.87 -29.33 -12.95
CA ARG G 6 -19.75 -28.11 -12.15
C ARG G 6 -21.06 -27.34 -12.07
N TYR G 7 -21.33 -26.72 -10.91
CA TYR G 7 -22.51 -25.88 -10.68
C TYR G 7 -22.08 -24.50 -10.23
N PHE G 8 -22.72 -23.46 -10.79
CA PHE G 8 -22.41 -22.06 -10.50
C PHE G 8 -23.67 -21.32 -10.06
N TYR G 9 -23.70 -20.89 -8.78
CA TYR G 9 -24.85 -20.17 -8.21
C TYR G 9 -24.47 -18.70 -8.01
N THR G 10 -25.41 -17.79 -8.30
CA THR G 10 -25.22 -16.36 -8.10
C THR G 10 -26.44 -15.74 -7.44
N SER G 11 -26.27 -15.17 -6.24
CA SER G 11 -27.32 -14.46 -5.51
C SER G 11 -26.91 -13.00 -5.42
N VAL G 12 -27.76 -12.11 -5.95
CA VAL G 12 -27.49 -10.66 -5.99
C VAL G 12 -28.62 -9.90 -5.29
N SER G 13 -28.31 -9.22 -4.18
CA SER G 13 -29.31 -8.41 -3.47
C SER G 13 -29.59 -7.12 -4.23
N ARG G 14 -30.87 -6.80 -4.40
CA ARG G 14 -31.30 -5.60 -5.12
C ARG G 14 -32.18 -4.73 -4.19
N PRO G 15 -31.53 -3.83 -3.41
CA PRO G 15 -32.30 -3.00 -2.45
C PRO G 15 -33.34 -2.11 -3.13
N GLY G 16 -34.57 -2.17 -2.60
CA GLY G 16 -35.72 -1.42 -3.13
C GLY G 16 -36.37 -2.07 -4.34
N ARG G 17 -35.56 -2.78 -5.15
CA ARG G 17 -35.99 -3.49 -6.37
C ARG G 17 -36.53 -4.93 -6.10
N GLY G 18 -37.08 -5.15 -4.90
CA GLY G 18 -37.66 -6.44 -4.50
C GLY G 18 -36.73 -7.35 -3.73
N GLU G 19 -36.75 -8.66 -4.08
CA GLU G 19 -35.94 -9.73 -3.47
C GLU G 19 -34.74 -10.16 -4.33
N PRO G 20 -33.67 -10.75 -3.74
CA PRO G 20 -32.47 -11.09 -4.54
C PRO G 20 -32.68 -11.95 -5.76
N ARG G 21 -31.86 -11.72 -6.80
CA ARG G 21 -31.94 -12.52 -8.01
C ARG G 21 -31.01 -13.70 -7.86
N PHE G 22 -31.55 -14.89 -8.10
CA PHE G 22 -30.80 -16.14 -8.02
C PHE G 22 -30.73 -16.78 -9.39
N ILE G 23 -29.51 -17.05 -9.84
CA ILE G 23 -29.23 -17.71 -11.11
C ILE G 23 -28.32 -18.89 -10.81
N ALA G 24 -28.75 -20.09 -11.25
CA ALA G 24 -28.00 -21.32 -11.10
C ALA G 24 -27.78 -21.92 -12.46
N VAL G 25 -26.56 -22.39 -12.74
CA VAL G 25 -26.19 -23.04 -14.00
C VAL G 25 -25.32 -24.27 -13.74
N GLY G 26 -25.61 -25.34 -14.47
CA GLY G 26 -24.86 -26.57 -14.41
C GLY G 26 -24.12 -26.87 -15.68
N TYR G 27 -22.93 -27.46 -15.56
CA TYR G 27 -22.07 -27.80 -16.69
C TYR G 27 -21.50 -29.21 -16.56
N VAL G 28 -21.33 -29.86 -17.71
CA VAL G 28 -20.64 -31.14 -17.84
C VAL G 28 -19.54 -30.76 -18.82
N ASP G 29 -18.32 -30.62 -18.31
CA ASP G 29 -17.15 -30.14 -19.02
C ASP G 29 -17.41 -28.71 -19.49
N ASP G 30 -17.33 -28.43 -20.80
CA ASP G 30 -17.56 -27.09 -21.34
C ASP G 30 -18.98 -26.95 -21.90
N THR G 31 -19.87 -27.91 -21.57
CA THR G 31 -21.25 -27.91 -22.03
C THR G 31 -22.24 -27.58 -20.90
N GLN G 32 -22.96 -26.45 -21.02
CA GLN G 32 -23.99 -26.08 -20.04
C GLN G 32 -25.22 -26.97 -20.30
N PHE G 33 -25.83 -27.54 -19.25
CA PHE G 33 -26.98 -28.43 -19.39
C PHE G 33 -28.25 -28.05 -18.63
N VAL G 34 -28.12 -27.27 -17.52
CA VAL G 34 -29.26 -26.83 -16.71
C VAL G 34 -29.18 -25.36 -16.30
N ARG G 35 -30.35 -24.71 -16.13
CA ARG G 35 -30.45 -23.33 -15.67
C ARG G 35 -31.63 -23.12 -14.75
N PHE G 36 -31.51 -22.16 -13.84
CA PHE G 36 -32.57 -21.70 -12.95
C PHE G 36 -32.41 -20.22 -12.78
N ASP G 37 -33.50 -19.47 -12.94
CA ASP G 37 -33.53 -18.04 -12.79
C ASP G 37 -34.78 -17.66 -12.01
N SER G 38 -34.59 -16.98 -10.86
CA SER G 38 -35.68 -16.52 -9.98
C SER G 38 -36.56 -15.47 -10.65
N ASP G 39 -36.10 -14.90 -11.78
CA ASP G 39 -36.81 -13.89 -12.56
C ASP G 39 -37.68 -14.48 -13.66
N ALA G 40 -37.36 -15.70 -14.13
CA ALA G 40 -38.09 -16.40 -15.18
C ALA G 40 -39.50 -16.79 -14.71
N ALA G 41 -40.45 -16.90 -15.67
CA ALA G 41 -41.85 -17.25 -15.38
C ALA G 41 -41.99 -18.70 -14.92
N SER G 42 -41.13 -19.59 -15.48
CA SER G 42 -41.04 -21.03 -15.23
C SER G 42 -41.02 -21.42 -13.76
N GLN G 43 -40.13 -20.78 -12.97
CA GLN G 43 -39.87 -21.05 -11.54
C GLN G 43 -39.51 -22.53 -11.33
N ARG G 44 -38.76 -23.09 -12.30
CA ARG G 44 -38.33 -24.47 -12.36
C ARG G 44 -36.93 -24.55 -12.94
N MET G 45 -36.21 -25.65 -12.67
CA MET G 45 -34.92 -25.90 -13.28
C MET G 45 -35.25 -26.26 -14.73
N GLU G 46 -34.58 -25.61 -15.70
CA GLU G 46 -34.85 -25.81 -17.12
C GLU G 46 -33.72 -26.54 -17.84
N PRO G 47 -34.04 -27.40 -18.84
CA PRO G 47 -32.96 -28.06 -19.61
C PRO G 47 -32.30 -27.08 -20.58
N ARG G 48 -31.00 -27.25 -20.83
CA ARG G 48 -30.21 -26.41 -21.74
C ARG G 48 -29.26 -27.23 -22.66
N ALA G 49 -29.49 -28.56 -22.71
CA ALA G 49 -28.78 -29.53 -23.54
C ALA G 49 -29.78 -30.63 -23.92
N PRO G 50 -29.69 -31.24 -25.12
CA PRO G 50 -30.69 -32.26 -25.52
C PRO G 50 -30.73 -33.52 -24.65
N TRP G 51 -29.56 -34.00 -24.20
CA TRP G 51 -29.42 -35.20 -23.37
C TRP G 51 -30.07 -35.14 -21.98
N ILE G 52 -30.33 -33.95 -21.44
CA ILE G 52 -30.97 -33.77 -20.13
C ILE G 52 -32.50 -33.68 -20.27
N GLU G 53 -33.00 -33.41 -21.48
CA GLU G 53 -34.43 -33.31 -21.78
C GLU G 53 -35.18 -34.63 -21.53
N GLN G 54 -34.46 -35.78 -21.60
CA GLN G 54 -35.00 -37.12 -21.36
C GLN G 54 -35.27 -37.39 -19.87
N GLU G 55 -34.89 -36.46 -18.98
CA GLU G 55 -35.12 -36.60 -17.53
C GLU G 55 -36.59 -36.34 -17.22
N GLY G 56 -37.15 -37.21 -16.37
CA GLY G 56 -38.56 -37.13 -15.97
C GLY G 56 -38.88 -36.01 -14.98
N PRO G 57 -40.18 -35.77 -14.73
CA PRO G 57 -40.56 -34.69 -13.79
C PRO G 57 -40.03 -34.84 -12.36
N GLU G 58 -39.75 -36.08 -11.92
CA GLU G 58 -39.20 -36.32 -10.57
C GLU G 58 -37.80 -35.71 -10.43
N TYR G 59 -37.03 -35.65 -11.55
CA TYR G 59 -35.71 -35.04 -11.62
C TYR G 59 -35.88 -33.53 -11.47
N TRP G 60 -36.68 -32.92 -12.35
CA TRP G 60 -36.97 -31.48 -12.35
C TRP G 60 -37.57 -31.00 -11.03
N ASP G 61 -38.42 -31.83 -10.40
CA ASP G 61 -39.03 -31.53 -9.10
C ASP G 61 -37.93 -31.41 -8.04
N GLN G 62 -37.00 -32.38 -7.99
CA GLN G 62 -35.92 -32.43 -7.03
C GLN G 62 -34.91 -31.31 -7.24
N GLU G 63 -34.52 -31.08 -8.50
CA GLU G 63 -33.56 -30.04 -8.86
C GLU G 63 -34.09 -28.65 -8.50
N THR G 64 -35.40 -28.42 -8.76
CA THR G 64 -36.07 -27.15 -8.42
C THR G 64 -36.07 -26.95 -6.91
N ARG G 65 -36.34 -28.03 -6.13
CA ARG G 65 -36.37 -28.00 -4.67
C ARG G 65 -35.02 -27.59 -4.09
N ASN G 66 -33.93 -28.24 -4.57
CA ASN G 66 -32.55 -28.01 -4.17
C ASN G 66 -32.09 -26.58 -4.43
N VAL G 67 -32.30 -26.06 -5.66
CA VAL G 67 -31.90 -24.69 -6.02
C VAL G 67 -32.68 -23.61 -5.30
N LYS G 68 -33.98 -23.85 -5.05
CA LYS G 68 -34.83 -22.91 -4.33
C LYS G 68 -34.41 -22.87 -2.87
N ALA G 69 -34.01 -24.04 -2.31
CA ALA G 69 -33.55 -24.17 -0.93
C ALA G 69 -32.28 -23.36 -0.73
N GLN G 70 -31.35 -23.42 -1.72
CA GLN G 70 -30.10 -22.66 -1.68
C GLN G 70 -30.36 -21.17 -1.87
N SER G 71 -31.29 -20.81 -2.78
CA SER G 71 -31.66 -19.40 -3.02
C SER G 71 -32.20 -18.76 -1.73
N GLN G 72 -33.01 -19.53 -0.96
CA GLN G 72 -33.56 -19.07 0.31
C GLN G 72 -32.49 -18.92 1.39
N THR G 73 -31.51 -19.85 1.42
CA THR G 73 -30.38 -19.81 2.36
C THR G 73 -29.50 -18.60 2.04
N ASP G 74 -29.30 -18.31 0.74
CA ASP G 74 -28.52 -17.17 0.28
C ASP G 74 -29.18 -15.85 0.67
N ARG G 75 -30.53 -15.74 0.60
CA ARG G 75 -31.14 -14.48 0.99
C ARG G 75 -31.05 -14.16 2.48
N VAL G 76 -30.99 -15.20 3.34
CA VAL G 76 -30.75 -15.01 4.78
C VAL G 76 -29.25 -14.69 5.00
N ASP G 77 -28.35 -15.47 4.36
CA ASP G 77 -26.90 -15.28 4.43
C ASP G 77 -26.44 -13.90 3.94
N LEU G 78 -27.17 -13.27 2.99
CA LEU G 78 -26.84 -11.93 2.49
C LEU G 78 -26.95 -10.92 3.65
N GLY G 79 -28.02 -11.04 4.43
CA GLY G 79 -28.26 -10.21 5.61
C GLY G 79 -27.25 -10.51 6.71
N THR G 80 -26.85 -11.78 6.85
CA THR G 80 -25.88 -12.19 7.86
C THR G 80 -24.53 -11.58 7.56
N LEU G 81 -24.09 -11.62 6.30
CA LEU G 81 -22.81 -11.06 5.84
C LEU G 81 -22.81 -9.53 5.91
N ARG G 82 -23.99 -8.89 5.73
CA ARG G 82 -24.18 -7.45 5.87
C ARG G 82 -23.86 -7.04 7.31
N GLY G 83 -24.19 -7.92 8.25
CA GLY G 83 -23.94 -7.71 9.68
C GLY G 83 -22.51 -8.02 10.05
N TYR G 84 -21.88 -8.93 9.29
CA TYR G 84 -20.50 -9.34 9.51
C TYR G 84 -19.55 -8.20 9.20
N TYR G 85 -19.62 -7.70 7.94
CA TYR G 85 -18.80 -6.61 7.41
C TYR G 85 -19.35 -5.23 7.78
N ASN G 86 -20.48 -5.20 8.54
CA ASN G 86 -21.17 -4.00 9.03
C ASN G 86 -21.51 -3.03 7.90
N GLN G 87 -22.34 -3.52 6.97
CA GLN G 87 -22.79 -2.83 5.76
C GLN G 87 -24.28 -2.44 5.85
N SER G 88 -24.65 -1.34 5.16
CA SER G 88 -26.01 -0.81 5.13
C SER G 88 -26.94 -1.58 4.21
N GLU G 89 -28.27 -1.47 4.45
CA GLU G 89 -29.34 -2.08 3.63
C GLU G 89 -29.29 -1.54 2.21
N ASP G 90 -28.76 -0.30 2.08
CA ASP G 90 -28.59 0.51 0.89
C ASP G 90 -27.87 -0.14 -0.29
N GLY G 91 -26.73 -0.77 -0.02
CA GLY G 91 -25.90 -1.41 -1.05
C GLY G 91 -26.35 -2.76 -1.57
N SER G 92 -26.00 -3.05 -2.84
CA SER G 92 -26.26 -4.30 -3.54
C SER G 92 -25.04 -5.21 -3.31
N HIS G 93 -25.27 -6.50 -2.98
CA HIS G 93 -24.18 -7.45 -2.73
C HIS G 93 -24.32 -8.77 -3.46
N THR G 94 -23.21 -9.53 -3.60
CA THR G 94 -23.19 -10.79 -4.34
C THR G 94 -22.61 -11.97 -3.57
N ILE G 95 -23.31 -13.12 -3.63
CA ILE G 95 -22.87 -14.41 -3.09
C ILE G 95 -22.76 -15.35 -4.27
N GLN G 96 -21.58 -15.96 -4.44
CA GLN G 96 -21.33 -16.92 -5.51
C GLN G 96 -20.82 -18.21 -4.91
N ILE G 97 -21.34 -19.35 -5.41
CA ILE G 97 -20.96 -20.70 -5.00
C ILE G 97 -20.53 -21.47 -6.24
N MET G 98 -19.43 -22.18 -6.14
CA MET G 98 -18.92 -23.06 -7.18
C MET G 98 -18.70 -24.39 -6.48
N TYR G 99 -19.23 -25.46 -7.08
CA TYR G 99 -19.06 -26.83 -6.59
C TYR G 99 -19.14 -27.83 -7.71
N GLY G 100 -18.50 -28.97 -7.51
CA GLY G 100 -18.48 -30.05 -8.49
C GLY G 100 -17.43 -31.11 -8.22
N CYS G 101 -17.29 -32.03 -9.19
CA CYS G 101 -16.35 -33.16 -9.08
C CYS G 101 -15.71 -33.49 -10.41
N ASP G 102 -14.51 -34.10 -10.34
CA ASP G 102 -13.71 -34.53 -11.48
C ASP G 102 -13.60 -36.06 -11.47
N VAL G 103 -13.90 -36.71 -12.62
CA VAL G 103 -13.80 -38.17 -12.77
C VAL G 103 -12.70 -38.54 -13.75
N GLY G 104 -12.11 -39.72 -13.55
CA GLY G 104 -11.09 -40.26 -14.44
C GLY G 104 -11.70 -40.94 -15.65
N PRO G 105 -10.88 -41.52 -16.56
CA PRO G 105 -11.45 -42.21 -17.73
C PRO G 105 -12.28 -43.45 -17.35
N ASP G 106 -12.00 -44.02 -16.16
CA ASP G 106 -12.70 -45.17 -15.58
C ASP G 106 -14.07 -44.78 -14.99
N GLY G 107 -14.30 -43.48 -14.82
CA GLY G 107 -15.54 -42.92 -14.27
C GLY G 107 -15.53 -42.85 -12.76
N ARG G 108 -14.33 -42.97 -12.16
CA ARG G 108 -14.13 -42.94 -10.71
C ARG G 108 -13.66 -41.57 -10.28
N PHE G 109 -14.06 -41.17 -9.06
CA PHE G 109 -13.74 -39.89 -8.43
C PHE G 109 -12.23 -39.59 -8.39
N LEU G 110 -11.86 -38.32 -8.68
CA LEU G 110 -10.47 -37.82 -8.64
C LEU G 110 -10.35 -36.75 -7.57
N ARG G 111 -11.14 -35.67 -7.71
CA ARG G 111 -11.19 -34.53 -6.78
C ARG G 111 -12.56 -33.83 -6.81
N GLY G 112 -12.91 -33.21 -5.69
CA GLY G 112 -14.16 -32.48 -5.49
C GLY G 112 -13.91 -31.04 -5.12
N TYR G 113 -14.92 -30.18 -5.33
CA TYR G 113 -14.82 -28.74 -5.06
C TYR G 113 -16.05 -28.16 -4.42
N ARG G 114 -15.82 -27.13 -3.60
CA ARG G 114 -16.81 -26.26 -2.95
C ARG G 114 -16.12 -25.01 -2.47
N GLN G 115 -16.47 -23.89 -3.11
CA GLN G 115 -15.92 -22.57 -2.77
C GLN G 115 -16.96 -21.48 -2.93
N ASP G 116 -16.97 -20.56 -1.96
CA ASP G 116 -17.89 -19.44 -1.88
C ASP G 116 -17.15 -18.12 -2.02
N ALA G 117 -17.87 -17.10 -2.51
CA ALA G 117 -17.32 -15.76 -2.66
C ALA G 117 -18.35 -14.70 -2.33
N TYR G 118 -17.92 -13.69 -1.57
CA TYR G 118 -18.76 -12.56 -1.22
C TYR G 118 -18.17 -11.32 -1.89
N ASP G 119 -19.00 -10.63 -2.70
CA ASP G 119 -18.63 -9.42 -3.43
C ASP G 119 -17.35 -9.55 -4.29
N GLY G 120 -17.31 -10.58 -5.13
CA GLY G 120 -16.20 -10.84 -6.05
C GLY G 120 -14.90 -11.29 -5.44
N LYS G 121 -14.87 -11.49 -4.12
CA LYS G 121 -13.67 -11.94 -3.39
C LYS G 121 -13.96 -13.26 -2.68
N ASP G 122 -12.95 -14.16 -2.66
CA ASP G 122 -12.98 -15.45 -1.96
C ASP G 122 -13.51 -15.26 -0.54
N TYR G 123 -14.42 -16.15 -0.11
CA TYR G 123 -14.97 -16.10 1.24
C TYR G 123 -14.53 -17.34 2.01
N ILE G 124 -15.12 -18.51 1.67
CA ILE G 124 -14.79 -19.80 2.29
C ILE G 124 -14.67 -20.87 1.20
N ALA G 125 -13.71 -21.78 1.36
CA ALA G 125 -13.48 -22.85 0.40
C ALA G 125 -13.17 -24.16 1.08
N LEU G 126 -13.72 -25.25 0.53
CA LEU G 126 -13.48 -26.59 1.02
C LEU G 126 -12.12 -27.00 0.47
N ASN G 127 -11.27 -27.54 1.34
CA ASN G 127 -9.92 -27.97 0.97
C ASN G 127 -9.93 -29.27 0.17
N GLU G 128 -8.82 -29.56 -0.54
CA GLU G 128 -8.64 -30.74 -1.39
C GLU G 128 -9.03 -32.06 -0.70
N ASP G 129 -8.73 -32.19 0.61
CA ASP G 129 -9.05 -33.37 1.41
C ASP G 129 -10.55 -33.58 1.63
N LEU G 130 -11.36 -32.51 1.43
CA LEU G 130 -12.82 -32.44 1.62
C LEU G 130 -13.17 -32.75 3.08
N ARG G 131 -12.26 -32.35 3.99
CA ARG G 131 -12.35 -32.58 5.44
C ARG G 131 -12.18 -31.31 6.26
N SER G 132 -11.57 -30.26 5.68
CA SER G 132 -11.32 -28.98 6.33
C SER G 132 -11.72 -27.80 5.44
N TRP G 133 -11.81 -26.59 6.02
CA TRP G 133 -12.18 -25.35 5.33
C TRP G 133 -11.07 -24.31 5.39
N THR G 134 -11.05 -23.40 4.39
CA THR G 134 -10.12 -22.27 4.34
C THR G 134 -10.92 -20.98 4.33
N ALA G 135 -10.79 -20.20 5.41
CA ALA G 135 -11.49 -18.92 5.57
C ALA G 135 -10.57 -17.80 5.08
N ALA G 136 -11.05 -17.00 4.13
CA ALA G 136 -10.26 -15.90 3.54
C ALA G 136 -10.10 -14.67 4.44
N ASP G 137 -11.04 -14.44 5.38
CA ASP G 137 -11.00 -13.29 6.29
C ASP G 137 -11.61 -13.57 7.67
N MET G 138 -11.75 -12.52 8.49
CA MET G 138 -12.31 -12.59 9.85
C MET G 138 -13.77 -13.00 9.88
N ALA G 139 -14.59 -12.50 8.93
CA ALA G 139 -16.00 -12.85 8.81
C ALA G 139 -16.15 -14.33 8.45
N ALA G 140 -15.38 -14.79 7.45
CA ALA G 140 -15.34 -16.16 6.98
C ALA G 140 -14.95 -17.17 8.07
N GLN G 141 -14.17 -16.71 9.07
CA GLN G 141 -13.73 -17.53 10.21
C GLN G 141 -14.93 -17.95 11.09
N ILE G 142 -15.95 -17.07 11.21
CA ILE G 142 -17.20 -17.32 11.95
C ILE G 142 -17.97 -18.44 11.24
N THR G 143 -18.09 -18.34 9.89
CA THR G 143 -18.75 -19.33 9.04
C THR G 143 -18.01 -20.67 9.20
N LYS G 144 -16.66 -20.65 9.15
CA LYS G 144 -15.80 -21.83 9.31
C LYS G 144 -16.13 -22.58 10.60
N ARG G 145 -16.14 -21.84 11.74
CA ARG G 145 -16.46 -22.37 13.06
C ARG G 145 -17.87 -22.94 13.15
N LYS G 146 -18.83 -22.33 12.44
CA LYS G 146 -20.21 -22.80 12.38
C LYS G 146 -20.28 -24.10 11.59
N TRP G 147 -19.63 -24.13 10.43
CA TRP G 147 -19.60 -25.27 9.51
C TRP G 147 -18.83 -26.46 10.07
N GLU G 148 -17.83 -26.20 10.92
CA GLU G 148 -17.05 -27.24 11.60
C GLU G 148 -17.96 -27.94 12.62
N ALA G 149 -18.67 -27.15 13.46
CA ALA G 149 -19.59 -27.64 14.49
C ALA G 149 -20.76 -28.44 13.88
N ALA G 150 -21.26 -28.01 12.72
CA ALA G 150 -22.37 -28.63 12.00
C ALA G 150 -21.92 -29.84 11.14
N HIS G 151 -20.58 -30.06 11.04
CA HIS G 151 -19.96 -31.13 10.26
C HIS G 151 -20.35 -31.04 8.78
N ALA G 152 -20.34 -29.80 8.24
CA ALA G 152 -20.70 -29.48 6.86
C ALA G 152 -19.81 -30.18 5.84
N ALA G 153 -18.50 -30.33 6.16
CA ALA G 153 -17.51 -30.98 5.31
C ALA G 153 -17.88 -32.43 4.98
N GLU G 154 -18.32 -33.23 5.99
CA GLU G 154 -18.75 -34.64 5.84
C GLU G 154 -19.87 -34.74 4.81
N GLN G 155 -20.90 -33.88 4.95
CA GLN G 155 -22.07 -33.80 4.08
C GLN G 155 -21.68 -33.40 2.65
N GLN G 156 -20.71 -32.47 2.50
CA GLN G 156 -20.20 -32.01 1.20
C GLN G 156 -19.42 -33.15 0.54
N ARG G 157 -18.50 -33.80 1.30
CA ARG G 157 -17.68 -34.92 0.84
C ARG G 157 -18.57 -36.08 0.37
N ALA G 158 -19.66 -36.36 1.12
CA ALA G 158 -20.64 -37.41 0.81
C ALA G 158 -21.26 -37.18 -0.57
N TYR G 159 -21.51 -35.91 -0.94
CA TYR G 159 -22.08 -35.55 -2.23
C TYR G 159 -21.01 -35.62 -3.33
N LEU G 160 -19.89 -34.90 -3.14
CA LEU G 160 -18.80 -34.80 -4.10
C LEU G 160 -18.17 -36.12 -4.50
N GLU G 161 -17.99 -37.04 -3.51
CA GLU G 161 -17.44 -38.37 -3.73
C GLU G 161 -18.51 -39.37 -4.18
N GLY G 162 -19.76 -39.14 -3.78
CA GLY G 162 -20.88 -40.03 -4.08
C GLY G 162 -21.79 -39.62 -5.21
N ARG G 163 -22.92 -38.95 -4.86
CA ARG G 163 -23.97 -38.51 -5.79
C ARG G 163 -23.47 -37.71 -6.99
N CYS G 164 -22.45 -36.85 -6.77
CA CYS G 164 -21.89 -36.03 -7.83
C CYS G 164 -21.28 -36.88 -8.94
N VAL G 165 -20.47 -37.89 -8.59
CA VAL G 165 -19.84 -38.78 -9.56
C VAL G 165 -20.85 -39.72 -10.25
N GLU G 166 -21.89 -40.13 -9.50
CA GLU G 166 -22.95 -41.01 -10.00
C GLU G 166 -23.79 -40.29 -11.05
N TRP G 167 -24.08 -38.99 -10.82
CA TRP G 167 -24.82 -38.15 -11.75
C TRP G 167 -24.01 -37.96 -13.02
N LEU G 168 -22.68 -37.74 -12.88
CA LEU G 168 -21.74 -37.58 -13.98
C LEU G 168 -21.75 -38.80 -14.89
N ARG G 169 -21.70 -40.01 -14.28
CA ARG G 169 -21.73 -41.30 -14.98
C ARG G 169 -22.97 -41.37 -15.88
N ARG G 170 -24.16 -41.14 -15.28
CA ARG G 170 -25.47 -41.12 -15.95
C ARG G 170 -25.44 -40.16 -17.13
N TYR G 171 -24.92 -38.93 -16.91
CA TYR G 171 -24.84 -37.87 -17.92
C TYR G 171 -23.92 -38.22 -19.06
N LEU G 172 -22.72 -38.77 -18.75
CA LEU G 172 -21.75 -39.19 -19.76
C LEU G 172 -22.28 -40.30 -20.65
N GLU G 173 -23.08 -41.22 -20.08
CA GLU G 173 -23.71 -42.30 -20.86
C GLU G 173 -24.82 -41.73 -21.74
N ASN G 174 -25.76 -40.96 -21.13
CA ASN G 174 -26.91 -40.35 -21.83
C ASN G 174 -26.52 -39.36 -22.93
N GLY G 175 -25.36 -38.71 -22.77
CA GLY G 175 -24.88 -37.73 -23.74
C GLY G 175 -23.56 -38.08 -24.39
N LYS G 176 -23.28 -39.39 -24.57
CA LYS G 176 -22.04 -39.88 -25.18
C LYS G 176 -21.70 -39.26 -26.55
N GLU G 177 -22.72 -39.12 -27.42
CA GLU G 177 -22.54 -38.52 -28.74
C GLU G 177 -22.17 -37.03 -28.70
N THR G 178 -22.56 -36.32 -27.63
CA THR G 178 -22.30 -34.89 -27.45
C THR G 178 -21.06 -34.65 -26.56
N LEU G 179 -21.09 -35.25 -25.39
CA LEU G 179 -20.06 -35.12 -24.41
C LEU G 179 -18.73 -35.76 -24.64
N GLN G 180 -18.66 -36.94 -25.25
CA GLN G 180 -17.37 -37.58 -25.42
C GLN G 180 -16.74 -37.33 -26.76
N ARG G 181 -17.23 -36.32 -27.45
CA ARG G 181 -16.70 -35.95 -28.74
C ARG G 181 -15.46 -35.07 -28.61
N THR G 182 -14.60 -35.16 -29.61
CA THR G 182 -13.40 -34.37 -29.67
C THR G 182 -13.43 -33.81 -31.05
N ASP G 183 -13.83 -32.57 -31.12
CA ASP G 183 -13.92 -31.77 -32.34
C ASP G 183 -12.59 -31.05 -32.59
N PRO G 184 -11.87 -31.36 -33.70
CA PRO G 184 -10.58 -30.68 -33.95
C PRO G 184 -10.77 -29.26 -34.50
N PRO G 185 -9.80 -28.34 -34.27
CA PRO G 185 -9.98 -26.97 -34.79
C PRO G 185 -9.76 -26.83 -36.29
N LYS G 186 -10.59 -25.97 -36.93
CA LYS G 186 -10.49 -25.64 -38.35
C LYS G 186 -9.48 -24.48 -38.42
N THR G 187 -8.22 -24.81 -38.76
CA THR G 187 -7.12 -23.84 -38.82
C THR G 187 -6.95 -23.15 -40.17
N HIS G 188 -6.63 -21.84 -40.12
CA HIS G 188 -6.34 -20.97 -41.25
C HIS G 188 -5.49 -19.78 -40.80
N MET G 189 -4.79 -19.14 -41.75
CA MET G 189 -3.91 -18.01 -41.45
C MET G 189 -4.21 -16.79 -42.31
N THR G 190 -4.10 -15.60 -41.70
CA THR G 190 -4.32 -14.32 -42.39
C THR G 190 -3.13 -13.40 -42.21
N HIS G 191 -2.85 -12.60 -43.25
CA HIS G 191 -1.76 -11.65 -43.31
C HIS G 191 -2.28 -10.26 -43.68
N HIS G 192 -1.97 -9.26 -42.83
CA HIS G 192 -2.38 -7.88 -43.04
C HIS G 192 -1.19 -6.94 -42.82
N PRO G 193 -0.73 -6.24 -43.88
CA PRO G 193 0.41 -5.34 -43.70
C PRO G 193 0.02 -4.02 -43.03
N ILE G 194 0.67 -3.70 -41.90
CA ILE G 194 0.42 -2.47 -41.14
C ILE G 194 1.22 -1.28 -41.68
N SER G 195 2.51 -1.50 -41.99
CA SER G 195 3.43 -0.52 -42.56
C SER G 195 4.02 -1.09 -43.87
N ASP G 196 5.00 -0.38 -44.47
CA ASP G 196 5.70 -0.84 -45.67
C ASP G 196 6.73 -1.91 -45.29
N HIS G 197 7.12 -1.96 -44.00
CA HIS G 197 8.09 -2.91 -43.48
C HIS G 197 7.61 -3.77 -42.29
N GLU G 198 6.35 -3.60 -41.88
CA GLU G 198 5.72 -4.42 -40.82
C GLU G 198 4.41 -5.04 -41.30
N ALA G 199 4.10 -6.25 -40.78
CA ALA G 199 2.88 -6.98 -41.14
C ALA G 199 2.36 -7.85 -39.98
N THR G 200 1.02 -7.97 -39.88
CA THR G 200 0.37 -8.80 -38.85
C THR G 200 0.07 -10.18 -39.42
N LEU G 201 0.55 -11.21 -38.73
CA LEU G 201 0.33 -12.60 -39.10
C LEU G 201 -0.59 -13.19 -38.02
N ARG G 202 -1.85 -13.48 -38.39
CA ARG G 202 -2.86 -13.99 -37.47
C ARG G 202 -3.24 -15.43 -37.78
N CYS G 203 -3.15 -16.30 -36.76
CA CYS G 203 -3.51 -17.71 -36.88
C CYS G 203 -4.83 -18.00 -36.17
N TRP G 204 -5.75 -18.68 -36.86
CA TRP G 204 -7.09 -18.99 -36.38
C TRP G 204 -7.31 -20.46 -36.04
N ALA G 205 -8.18 -20.71 -35.03
CA ALA G 205 -8.62 -22.02 -34.59
C ALA G 205 -10.12 -21.90 -34.37
N LEU G 206 -10.92 -22.53 -35.24
CA LEU G 206 -12.38 -22.43 -35.19
C LEU G 206 -13.10 -23.78 -35.07
N GLY G 207 -14.26 -23.76 -34.42
CA GLY G 207 -15.16 -24.90 -34.24
C GLY G 207 -14.58 -26.11 -33.54
N PHE G 208 -13.89 -25.90 -32.42
CA PHE G 208 -13.29 -26.97 -31.65
C PHE G 208 -14.00 -27.21 -30.30
N TYR G 209 -13.89 -28.45 -29.79
CA TYR G 209 -14.42 -28.88 -28.50
C TYR G 209 -13.56 -30.03 -27.97
N PRO G 210 -13.12 -30.02 -26.68
CA PRO G 210 -13.34 -29.02 -25.63
C PRO G 210 -12.65 -27.67 -25.86
N ALA G 211 -12.89 -26.69 -24.96
CA ALA G 211 -12.35 -25.33 -25.02
C ALA G 211 -10.82 -25.24 -24.87
N GLU G 212 -10.18 -26.21 -24.18
CA GLU G 212 -8.74 -26.21 -23.94
C GLU G 212 -7.93 -26.40 -25.21
N ILE G 213 -7.23 -25.32 -25.61
CA ILE G 213 -6.39 -25.22 -26.80
C ILE G 213 -5.10 -24.45 -26.46
N THR G 214 -4.04 -24.67 -27.25
CA THR G 214 -2.77 -23.97 -27.07
C THR G 214 -2.28 -23.49 -28.43
N LEU G 215 -2.22 -22.15 -28.59
CA LEU G 215 -1.73 -21.48 -29.80
C LEU G 215 -0.40 -20.82 -29.45
N THR G 216 0.66 -21.18 -30.18
CA THR G 216 2.01 -20.65 -29.96
C THR G 216 2.67 -20.27 -31.29
N TRP G 217 3.46 -19.17 -31.27
CA TRP G 217 4.21 -18.70 -32.44
C TRP G 217 5.67 -19.09 -32.30
N GLN G 218 6.30 -19.50 -33.42
CA GLN G 218 7.70 -19.91 -33.46
C GLN G 218 8.44 -19.33 -34.65
N ARG G 219 9.57 -18.64 -34.39
CA ARG G 219 10.42 -18.05 -35.43
C ARG G 219 11.56 -19.00 -35.79
N ASP G 220 11.40 -19.73 -36.93
CA ASP G 220 12.32 -20.75 -37.46
C ASP G 220 12.53 -21.96 -36.51
N GLY G 221 11.69 -22.03 -35.46
CA GLY G 221 11.72 -23.06 -34.43
C GLY G 221 11.75 -22.50 -33.02
N GLU G 222 12.40 -21.33 -32.84
CA GLU G 222 12.55 -20.63 -31.55
C GLU G 222 11.22 -20.03 -31.10
N ASP G 223 10.76 -20.42 -29.89
CA ASP G 223 9.48 -19.96 -29.31
C ASP G 223 9.47 -18.47 -29.01
N GLN G 224 8.63 -17.72 -29.75
CA GLN G 224 8.50 -16.28 -29.58
C GLN G 224 7.20 -15.88 -28.88
N THR G 225 7.35 -15.02 -27.87
CA THR G 225 6.31 -14.43 -27.03
C THR G 225 6.38 -12.90 -27.20
N GLN G 226 7.47 -12.41 -27.83
CA GLN G 226 7.71 -11.00 -28.12
C GLN G 226 6.83 -10.59 -29.31
N ASP G 227 6.06 -9.51 -29.13
CA ASP G 227 5.12 -8.93 -30.12
C ASP G 227 3.94 -9.86 -30.47
N THR G 228 3.58 -10.81 -29.57
CA THR G 228 2.47 -11.74 -29.75
C THR G 228 1.21 -11.29 -29.04
N GLU G 229 0.07 -11.33 -29.74
CA GLU G 229 -1.25 -10.96 -29.21
C GLU G 229 -2.13 -12.21 -29.19
N LEU G 230 -2.85 -12.42 -28.08
CA LEU G 230 -3.75 -13.56 -27.89
C LEU G 230 -5.12 -13.09 -27.45
N VAL G 231 -6.17 -13.79 -27.90
CA VAL G 231 -7.53 -13.53 -27.46
C VAL G 231 -8.02 -14.66 -26.56
N GLU G 232 -8.86 -14.31 -25.59
CA GLU G 232 -9.46 -15.27 -24.67
C GLU G 232 -10.34 -16.23 -25.50
N THR G 233 -10.24 -17.56 -25.24
CA THR G 233 -11.03 -18.59 -25.93
C THR G 233 -12.52 -18.25 -25.77
N ARG G 234 -13.14 -17.88 -26.89
CA ARG G 234 -14.52 -17.42 -26.97
C ARG G 234 -15.51 -18.48 -27.50
N PRO G 235 -16.79 -18.47 -27.05
CA PRO G 235 -17.75 -19.45 -27.60
C PRO G 235 -18.25 -19.04 -28.99
N ALA G 236 -18.47 -20.03 -29.87
CA ALA G 236 -18.99 -19.75 -31.21
C ALA G 236 -20.52 -19.61 -31.17
N GLY G 237 -21.16 -20.23 -30.16
CA GLY G 237 -22.60 -20.19 -29.97
C GLY G 237 -23.33 -21.44 -30.42
N ASP G 238 -22.58 -22.42 -30.96
CA ASP G 238 -23.11 -23.69 -31.46
C ASP G 238 -22.56 -24.88 -30.65
N GLY G 239 -21.93 -24.58 -29.52
CA GLY G 239 -21.33 -25.58 -28.65
C GLY G 239 -19.86 -25.78 -28.92
N THR G 240 -19.26 -24.94 -29.78
CA THR G 240 -17.84 -24.99 -30.12
C THR G 240 -17.16 -23.68 -29.72
N PHE G 241 -15.82 -23.68 -29.70
CA PHE G 241 -15.03 -22.51 -29.31
C PHE G 241 -14.14 -21.98 -30.44
N GLN G 242 -13.65 -20.74 -30.25
CA GLN G 242 -12.79 -20.03 -31.20
C GLN G 242 -11.63 -19.36 -30.45
N LYS G 243 -10.45 -19.25 -31.11
CA LYS G 243 -9.26 -18.60 -30.55
C LYS G 243 -8.28 -18.22 -31.66
N TRP G 244 -7.70 -17.01 -31.56
CA TRP G 244 -6.68 -16.55 -32.50
C TRP G 244 -5.43 -16.00 -31.82
N ALA G 245 -4.29 -16.14 -32.48
CA ALA G 245 -3.00 -15.66 -32.01
C ALA G 245 -2.34 -14.87 -33.15
N ALA G 246 -1.96 -13.61 -32.87
CA ALA G 246 -1.32 -12.74 -33.85
C ALA G 246 0.08 -12.32 -33.45
N VAL G 247 0.93 -12.02 -34.45
CA VAL G 247 2.31 -11.59 -34.27
C VAL G 247 2.68 -10.52 -35.32
N VAL G 248 3.38 -9.44 -34.89
CA VAL G 248 3.83 -8.38 -35.80
C VAL G 248 5.23 -8.78 -36.28
N VAL G 249 5.33 -9.04 -37.59
CA VAL G 249 6.56 -9.52 -38.24
C VAL G 249 7.16 -8.50 -39.22
N PRO G 250 8.50 -8.49 -39.44
CA PRO G 250 9.06 -7.56 -40.44
C PRO G 250 8.73 -8.08 -41.85
N SER G 251 8.22 -7.21 -42.74
CA SER G 251 7.83 -7.56 -44.12
C SER G 251 8.95 -8.30 -44.86
N GLY G 252 8.60 -9.41 -45.48
CA GLY G 252 9.51 -10.28 -46.21
C GLY G 252 10.00 -11.48 -45.41
N GLU G 253 9.86 -11.40 -44.07
CA GLU G 253 10.27 -12.46 -43.13
C GLU G 253 9.10 -13.33 -42.63
N GLU G 254 7.88 -13.14 -43.19
CA GLU G 254 6.67 -13.88 -42.81
C GLU G 254 6.73 -15.40 -42.98
N GLN G 255 7.59 -15.90 -43.88
CA GLN G 255 7.77 -17.33 -44.14
C GLN G 255 8.76 -18.00 -43.16
N ARG G 256 9.29 -17.21 -42.19
CA ARG G 256 10.21 -17.67 -41.14
C ARG G 256 9.42 -18.00 -39.86
N TYR G 257 8.15 -17.56 -39.79
CA TYR G 257 7.26 -17.74 -38.64
C TYR G 257 6.26 -18.88 -38.84
N THR G 258 6.05 -19.70 -37.77
CA THR G 258 5.12 -20.83 -37.75
C THR G 258 4.24 -20.83 -36.53
N CYS G 259 2.96 -21.18 -36.72
CA CYS G 259 2.01 -21.27 -35.61
C CYS G 259 1.74 -22.72 -35.25
N HIS G 260 1.79 -23.02 -33.94
CA HIS G 260 1.59 -24.37 -33.42
C HIS G 260 0.32 -24.49 -32.62
N VAL G 261 -0.61 -25.31 -33.14
CA VAL G 261 -1.93 -25.56 -32.57
C VAL G 261 -1.92 -26.89 -31.80
N GLN G 262 -2.30 -26.84 -30.52
CA GLN G 262 -2.36 -28.03 -29.66
C GLN G 262 -3.78 -28.21 -29.16
N HIS G 263 -4.43 -29.32 -29.54
CA HIS G 263 -5.80 -29.68 -29.15
C HIS G 263 -5.97 -31.18 -28.99
N GLU G 264 -6.87 -31.59 -28.07
CA GLU G 264 -7.23 -32.97 -27.76
C GLU G 264 -7.75 -33.72 -29.00
N GLY G 265 -8.50 -33.03 -29.85
CA GLY G 265 -9.09 -33.56 -31.07
C GLY G 265 -8.12 -33.73 -32.23
N LEU G 266 -6.85 -33.32 -32.06
CA LEU G 266 -5.81 -33.45 -33.07
C LEU G 266 -4.92 -34.67 -32.82
N PRO G 267 -4.70 -35.54 -33.85
CA PRO G 267 -3.83 -36.72 -33.65
C PRO G 267 -2.40 -36.30 -33.29
N LYS G 268 -1.89 -35.27 -33.99
CA LYS G 268 -0.59 -34.65 -33.78
C LYS G 268 -0.74 -33.12 -33.92
N PRO G 269 0.04 -32.30 -33.16
CA PRO G 269 -0.09 -30.83 -33.28
C PRO G 269 0.17 -30.26 -34.68
N LEU G 270 -0.71 -29.35 -35.12
CA LEU G 270 -0.63 -28.71 -36.43
C LEU G 270 0.44 -27.62 -36.47
N THR G 271 1.08 -27.45 -37.63
CA THR G 271 2.11 -26.44 -37.88
C THR G 271 1.64 -25.64 -39.10
N LEU G 272 1.30 -24.36 -38.87
CA LEU G 272 0.81 -23.46 -39.91
C LEU G 272 1.89 -22.46 -40.28
N ARG G 273 2.12 -22.25 -41.60
CA ARG G 273 3.12 -21.33 -42.13
C ARG G 273 2.54 -20.56 -43.31
N TRP G 274 2.84 -19.24 -43.39
CA TRP G 274 2.37 -18.37 -44.46
C TRP G 274 3.20 -18.57 -45.74
N MET H 1 -14.36 -3.08 -1.89
CA MET H 1 -15.11 -4.12 -2.59
C MET H 1 -14.48 -4.43 -3.95
N ILE H 2 -14.55 -5.69 -4.40
CA ILE H 2 -14.00 -6.08 -5.69
C ILE H 2 -14.94 -5.70 -6.84
N GLN H 3 -14.46 -4.90 -7.78
CA GLN H 3 -15.19 -4.52 -9.00
C GLN H 3 -14.28 -4.82 -10.19
N ARG H 4 -14.84 -5.30 -11.31
CA ARG H 4 -14.07 -5.72 -12.48
C ARG H 4 -14.74 -5.25 -13.79
N THR H 5 -13.94 -4.68 -14.69
CA THR H 5 -14.38 -4.12 -15.98
C THR H 5 -14.59 -5.21 -17.05
N PRO H 6 -15.69 -5.14 -17.83
CA PRO H 6 -15.91 -6.17 -18.87
C PRO H 6 -14.92 -6.18 -20.04
N LYS H 7 -14.51 -7.39 -20.48
CA LYS H 7 -13.65 -7.59 -21.65
C LYS H 7 -14.64 -7.89 -22.79
N ILE H 8 -14.62 -7.09 -23.86
CA ILE H 8 -15.55 -7.24 -24.98
C ILE H 8 -14.88 -7.87 -26.21
N GLN H 9 -15.62 -8.76 -26.89
CA GLN H 9 -15.19 -9.42 -28.13
C GLN H 9 -16.40 -9.52 -29.05
N VAL H 10 -16.32 -8.86 -30.22
CA VAL H 10 -17.38 -8.87 -31.23
C VAL H 10 -16.88 -9.72 -32.38
N TYR H 11 -17.67 -10.74 -32.76
CA TYR H 11 -17.30 -11.70 -33.80
C TYR H 11 -18.50 -12.43 -34.38
N SER H 12 -18.25 -13.32 -35.35
CA SER H 12 -19.27 -14.13 -36.02
C SER H 12 -19.07 -15.61 -35.69
N ARG H 13 -20.17 -16.40 -35.73
CA ARG H 13 -20.15 -17.84 -35.45
C ARG H 13 -19.28 -18.59 -36.47
N HIS H 14 -19.47 -18.25 -37.75
CA HIS H 14 -18.76 -18.83 -38.89
C HIS H 14 -18.00 -17.73 -39.63
N PRO H 15 -16.95 -18.04 -40.45
CA PRO H 15 -16.25 -16.95 -41.16
C PRO H 15 -17.19 -16.15 -42.06
N ALA H 16 -17.10 -14.81 -41.97
CA ALA H 16 -17.95 -13.88 -42.70
C ALA H 16 -17.85 -13.98 -44.22
N GLU H 17 -18.99 -14.23 -44.85
CA GLU H 17 -19.18 -14.33 -46.30
C GLU H 17 -20.50 -13.68 -46.65
N ASN H 18 -20.43 -12.55 -47.40
CA ASN H 18 -21.56 -11.70 -47.81
C ASN H 18 -22.71 -12.46 -48.47
N GLY H 19 -23.93 -12.18 -48.00
CA GLY H 19 -25.15 -12.82 -48.49
C GLY H 19 -25.54 -14.09 -47.78
N LYS H 20 -24.57 -14.75 -47.10
CA LYS H 20 -24.78 -16.00 -46.36
C LYS H 20 -25.24 -15.72 -44.92
N SER H 21 -26.21 -16.52 -44.43
CA SER H 21 -26.77 -16.41 -43.08
C SER H 21 -25.73 -16.81 -42.03
N ASN H 22 -25.59 -15.99 -40.96
CA ASN H 22 -24.63 -16.19 -39.88
C ASN H 22 -25.20 -15.69 -38.53
N PHE H 23 -24.36 -15.64 -37.49
CA PHE H 23 -24.72 -15.17 -36.16
C PHE H 23 -23.70 -14.14 -35.68
N LEU H 24 -24.18 -12.98 -35.21
CA LEU H 24 -23.30 -11.94 -34.68
C LEU H 24 -23.20 -12.15 -33.18
N ASN H 25 -21.97 -12.39 -32.70
CA ASN H 25 -21.72 -12.67 -31.29
C ASN H 25 -21.03 -11.53 -30.58
N CYS H 26 -21.37 -11.37 -29.30
CA CYS H 26 -20.72 -10.45 -28.39
C CYS H 26 -20.46 -11.16 -27.09
N TYR H 27 -19.17 -11.37 -26.79
CA TYR H 27 -18.74 -12.08 -25.60
C TYR H 27 -18.15 -11.16 -24.56
N VAL H 28 -18.96 -10.85 -23.54
CA VAL H 28 -18.57 -10.03 -22.40
C VAL H 28 -18.10 -10.96 -21.28
N SER H 29 -16.90 -10.71 -20.73
CA SER H 29 -16.34 -11.55 -19.68
C SER H 29 -15.47 -10.71 -18.71
N GLY H 30 -14.91 -11.36 -17.68
CA GLY H 30 -14.05 -10.72 -16.70
C GLY H 30 -14.67 -9.63 -15.86
N PHE H 31 -16.01 -9.44 -15.93
CA PHE H 31 -16.74 -8.40 -15.19
C PHE H 31 -17.36 -8.84 -13.85
N HIS H 32 -17.53 -7.87 -12.93
CA HIS H 32 -18.13 -8.02 -11.60
C HIS H 32 -18.56 -6.63 -11.11
N PRO H 33 -19.82 -6.38 -10.65
CA PRO H 33 -20.96 -7.30 -10.50
C PRO H 33 -21.61 -7.79 -11.79
N SER H 34 -22.58 -8.70 -11.64
CA SER H 34 -23.35 -9.38 -12.69
C SER H 34 -24.21 -8.48 -13.57
N ASP H 35 -24.69 -7.35 -13.04
CA ASP H 35 -25.55 -6.43 -13.81
C ASP H 35 -24.78 -5.76 -14.96
N ILE H 36 -25.26 -5.95 -16.20
CA ILE H 36 -24.66 -5.44 -17.43
C ILE H 36 -25.71 -5.18 -18.52
N GLU H 37 -25.47 -4.16 -19.35
CA GLU H 37 -26.32 -3.78 -20.48
C GLU H 37 -25.53 -4.04 -21.77
N VAL H 38 -25.94 -5.06 -22.55
CA VAL H 38 -25.26 -5.42 -23.79
C VAL H 38 -26.25 -5.39 -24.95
N ASP H 39 -25.98 -4.54 -25.95
CA ASP H 39 -26.80 -4.38 -27.16
C ASP H 39 -25.95 -4.60 -28.39
N LEU H 40 -26.55 -5.22 -29.41
CA LEU H 40 -25.91 -5.43 -30.70
C LEU H 40 -26.41 -4.36 -31.66
N LEU H 41 -25.49 -3.72 -32.40
CA LEU H 41 -25.85 -2.62 -33.31
C LEU H 41 -25.65 -2.91 -34.79
N LYS H 42 -26.59 -2.43 -35.62
CA LYS H 42 -26.54 -2.50 -37.09
C LYS H 42 -26.64 -1.05 -37.56
N ASN H 43 -25.50 -0.48 -37.98
CA ASN H 43 -25.34 0.90 -38.44
C ASN H 43 -25.76 1.93 -37.37
N GLY H 44 -25.35 1.68 -36.12
CA GLY H 44 -25.63 2.53 -34.97
C GLY H 44 -26.99 2.34 -34.33
N GLU H 45 -27.87 1.54 -34.96
CA GLU H 45 -29.22 1.26 -34.46
C GLU H 45 -29.27 -0.08 -33.72
N ARG H 46 -29.93 -0.09 -32.54
CA ARG H 46 -30.10 -1.26 -31.67
C ARG H 46 -30.88 -2.38 -32.36
N ILE H 47 -30.29 -3.59 -32.43
CA ILE H 47 -30.92 -4.76 -33.04
C ILE H 47 -31.93 -5.36 -32.06
N GLU H 48 -33.20 -5.49 -32.47
CA GLU H 48 -34.23 -6.09 -31.63
C GLU H 48 -34.12 -7.61 -31.73
N LYS H 49 -34.66 -8.33 -30.71
CA LYS H 49 -34.62 -9.79 -30.61
C LYS H 49 -33.20 -10.36 -30.60
N VAL H 50 -32.44 -9.98 -29.55
CA VAL H 50 -31.07 -10.42 -29.28
C VAL H 50 -31.13 -11.31 -28.03
N GLU H 51 -30.80 -12.59 -28.20
CA GLU H 51 -30.80 -13.57 -27.11
C GLU H 51 -29.43 -13.60 -26.41
N HIS H 52 -29.38 -14.20 -25.21
CA HIS H 52 -28.13 -14.36 -24.48
C HIS H 52 -28.04 -15.68 -23.70
N SER H 53 -26.81 -16.10 -23.40
CA SER H 53 -26.51 -17.30 -22.61
C SER H 53 -26.89 -17.05 -21.15
N ASP H 54 -26.96 -18.10 -20.34
CA ASP H 54 -27.31 -17.96 -18.92
C ASP H 54 -26.07 -17.55 -18.13
N LEU H 55 -26.24 -16.60 -17.19
CA LEU H 55 -25.15 -16.07 -16.37
C LEU H 55 -24.34 -17.16 -15.68
N SER H 56 -23.04 -17.15 -15.93
CA SER H 56 -22.07 -18.08 -15.38
C SER H 56 -20.78 -17.29 -15.05
N PHE H 57 -19.83 -17.91 -14.34
CA PHE H 57 -18.59 -17.23 -13.97
C PHE H 57 -17.34 -18.09 -14.10
N SER H 58 -16.17 -17.44 -14.00
CA SER H 58 -14.86 -18.08 -14.12
C SER H 58 -14.28 -18.40 -12.73
N LYS H 59 -13.03 -18.93 -12.69
CA LYS H 59 -12.32 -19.31 -11.47
C LYS H 59 -12.13 -18.10 -10.54
N ASP H 60 -11.98 -16.89 -11.12
CA ASP H 60 -11.78 -15.64 -10.38
C ASP H 60 -13.09 -14.93 -10.04
N TRP H 61 -14.24 -15.65 -10.13
CA TRP H 61 -15.59 -15.16 -9.84
C TRP H 61 -16.12 -14.13 -10.83
N SER H 62 -15.36 -13.84 -11.88
CA SER H 62 -15.80 -12.87 -12.86
C SER H 62 -16.79 -13.51 -13.83
N PHE H 63 -17.94 -12.85 -13.99
CA PHE H 63 -19.04 -13.29 -14.85
C PHE H 63 -18.71 -13.22 -16.32
N TYR H 64 -19.42 -14.00 -17.11
CA TYR H 64 -19.30 -13.99 -18.55
C TYR H 64 -20.65 -14.30 -19.18
N LEU H 65 -20.98 -13.59 -20.23
CA LEU H 65 -22.24 -13.74 -20.93
C LEU H 65 -22.02 -13.64 -22.41
N LEU H 66 -22.80 -14.35 -23.21
CA LEU H 66 -22.67 -14.28 -24.65
C LEU H 66 -23.96 -13.81 -25.21
N TYR H 67 -23.93 -12.75 -26.00
CA TYR H 67 -25.11 -12.19 -26.61
C TYR H 67 -25.01 -12.51 -28.09
N TYR H 68 -26.12 -12.87 -28.71
CA TYR H 68 -26.14 -13.27 -30.11
C TYR H 68 -27.44 -12.95 -30.84
N THR H 69 -27.35 -12.78 -32.17
CA THR H 69 -28.47 -12.54 -33.09
C THR H 69 -28.15 -13.11 -34.47
N GLU H 70 -29.16 -13.67 -35.15
CA GLU H 70 -28.98 -14.19 -36.50
C GLU H 70 -28.94 -13.02 -37.47
N PHE H 71 -27.90 -12.96 -38.31
CA PHE H 71 -27.71 -11.87 -39.25
C PHE H 71 -27.12 -12.32 -40.59
N THR H 72 -27.34 -11.53 -41.65
CA THR H 72 -26.78 -11.77 -42.97
C THR H 72 -25.86 -10.59 -43.33
N PRO H 73 -24.51 -10.78 -43.26
CA PRO H 73 -23.61 -9.65 -43.53
C PRO H 73 -23.55 -9.18 -44.99
N THR H 74 -23.37 -7.87 -45.17
CA THR H 74 -23.24 -7.19 -46.45
C THR H 74 -22.06 -6.21 -46.34
N GLU H 75 -21.48 -5.81 -47.49
CA GLU H 75 -20.35 -4.87 -47.56
C GLU H 75 -20.74 -3.49 -47.02
N LYS H 76 -21.98 -3.07 -47.30
CA LYS H 76 -22.55 -1.78 -46.89
C LYS H 76 -22.81 -1.63 -45.38
N ASP H 77 -23.49 -2.64 -44.77
CA ASP H 77 -23.86 -2.63 -43.35
C ASP H 77 -22.68 -2.75 -42.39
N GLU H 78 -22.66 -1.89 -41.36
CA GLU H 78 -21.63 -1.84 -40.32
C GLU H 78 -22.23 -2.39 -39.01
N TYR H 79 -21.65 -3.48 -38.49
CA TYR H 79 -22.11 -4.11 -37.25
C TYR H 79 -21.15 -3.81 -36.10
N ALA H 80 -21.71 -3.55 -34.92
CA ALA H 80 -20.94 -3.22 -33.71
C ALA H 80 -21.65 -3.70 -32.44
N CYS H 81 -21.05 -3.41 -31.27
CA CYS H 81 -21.65 -3.78 -29.99
C CYS H 81 -21.48 -2.75 -28.89
N ARG H 82 -22.60 -2.31 -28.30
CA ARG H 82 -22.66 -1.34 -27.22
C ARG H 82 -22.81 -2.07 -25.88
N VAL H 83 -21.84 -1.86 -24.96
CA VAL H 83 -21.77 -2.48 -23.64
C VAL H 83 -21.71 -1.40 -22.55
N ASN H 84 -22.52 -1.54 -21.49
CA ASN H 84 -22.49 -0.64 -20.35
C ASN H 84 -22.51 -1.41 -19.04
N HIS H 85 -21.63 -1.04 -18.13
CA HIS H 85 -21.45 -1.64 -16.82
C HIS H 85 -21.40 -0.50 -15.79
N VAL H 86 -21.33 -0.84 -14.50
CA VAL H 86 -21.22 0.13 -13.42
C VAL H 86 -19.79 0.72 -13.41
N THR H 87 -18.79 -0.11 -13.82
CA THR H 87 -17.37 0.25 -13.93
C THR H 87 -17.07 1.12 -15.17
N LEU H 88 -18.07 1.23 -16.08
CA LEU H 88 -17.98 2.03 -17.30
C LEU H 88 -18.71 3.37 -17.10
N SER H 89 -17.99 4.48 -17.36
CA SER H 89 -18.45 5.86 -17.22
C SER H 89 -19.51 6.19 -18.27
N GLN H 90 -19.38 5.59 -19.47
CA GLN H 90 -20.29 5.75 -20.59
C GLN H 90 -20.28 4.46 -21.44
N PRO H 91 -21.39 4.12 -22.16
CA PRO H 91 -21.38 2.91 -22.99
C PRO H 91 -20.17 2.79 -23.93
N LYS H 92 -19.47 1.65 -23.83
CA LYS H 92 -18.29 1.33 -24.64
C LYS H 92 -18.77 0.61 -25.91
N ILE H 93 -18.39 1.13 -27.08
CA ILE H 93 -18.79 0.55 -28.37
C ILE H 93 -17.60 -0.11 -29.06
N VAL H 94 -17.74 -1.41 -29.36
CA VAL H 94 -16.71 -2.20 -30.03
C VAL H 94 -17.25 -2.59 -31.40
N LYS H 95 -16.57 -2.12 -32.46
CA LYS H 95 -16.95 -2.38 -33.85
C LYS H 95 -16.57 -3.80 -34.28
N TRP H 96 -17.42 -4.44 -35.10
CA TRP H 96 -17.09 -5.77 -35.58
C TRP H 96 -16.19 -5.68 -36.79
N ASP H 97 -14.94 -6.14 -36.61
CA ASP H 97 -13.92 -6.15 -37.66
C ASP H 97 -13.81 -7.54 -38.26
N ARG H 98 -13.96 -7.63 -39.58
CA ARG H 98 -13.82 -8.87 -40.33
C ARG H 98 -12.34 -9.28 -40.24
N ASP H 99 -12.07 -10.42 -39.56
CA ASP H 99 -10.76 -11.01 -39.28
C ASP H 99 -10.10 -10.46 -38.00
N MET H 100 -10.90 -10.36 -36.92
CA MET H 100 -10.52 -9.91 -35.58
C MET H 100 -11.66 -10.23 -34.58
N GLY I 1 -26.73 -33.64 -11.29
CA GLY I 1 -27.74 -33.18 -10.35
C GLY I 1 -27.15 -32.38 -9.22
N THR I 2 -27.92 -31.42 -8.69
CA THR I 2 -27.52 -30.53 -7.60
C THR I 2 -27.41 -31.22 -6.25
N SER I 3 -26.82 -30.51 -5.29
CA SER I 3 -26.65 -30.93 -3.90
C SER I 3 -27.94 -30.57 -3.13
N GLY I 4 -28.51 -31.56 -2.41
CA GLY I 4 -29.71 -31.40 -1.60
C GLY I 4 -29.33 -30.90 -0.22
N SER I 5 -28.97 -31.80 0.70
CA SER I 5 -28.40 -31.43 1.99
C SER I 5 -26.85 -31.47 1.78
N PRO I 6 -25.99 -30.70 2.51
CA PRO I 6 -26.24 -29.87 3.71
C PRO I 6 -27.15 -28.63 3.62
N ILE I 7 -26.69 -27.56 2.92
CA ILE I 7 -27.36 -26.25 2.81
C ILE I 7 -27.45 -25.64 4.24
N ILE I 8 -26.28 -25.25 4.77
CA ILE I 8 -26.14 -24.67 6.10
C ILE I 8 -25.87 -23.18 5.94
N ASN I 9 -26.41 -22.37 6.85
CA ASN I 9 -26.28 -20.91 6.86
C ASN I 9 -24.86 -20.48 7.21
N ARG I 10 -24.40 -19.37 6.58
CA ARG I 10 -23.07 -18.77 6.79
C ARG I 10 -23.03 -17.97 8.08
#